data_8DYE
#
_entry.id   8DYE
#
_cell.length_a   139.049
_cell.length_b   69.299
_cell.length_c   72.657
_cell.angle_alpha   90.000
_cell.angle_beta   90.000
_cell.angle_gamma   90.000
#
_symmetry.space_group_name_H-M   'P 21 21 2'
#
loop_
_entity.id
_entity.type
_entity.pdbx_description
1 polymer 'Succinate dehydrogenase [ubiquinone] flavoprotein subunit, mitochondrial'
2 polymer 'Succinate dehydrogenase assembly factor 4, mitochondrial'
3 non-polymer 'FLAVIN-ADENINE DINUCLEOTIDE'
4 non-polymer 'MALONATE ION'
5 non-polymer 1,2-ETHANEDIOL
6 non-polymer GLYCEROL
7 non-polymer 'SODIUM ION'
8 water water
#
loop_
_entity_poly.entity_id
_entity_poly.type
_entity_poly.pdbx_seq_one_letter_code
_entity_poly.pdbx_strand_id
1 'polypeptide(L)'
;QYPVVDHEFDAVVVGAGGAGLRAAFGLSEAGFNTACVTKLFPTRSHTVAAQGGINAALGNMEEDNWRWHFYDTVKGSDWL
GDQDAIHYMTEQAPAAVVELENYGMPFSRTEDGKIYQRAFGGQSLKFGKGGQAHRCCCVADRTGHSLLHTLYGRSLRYDT
SYFVEYFALDLLMENGECRGVIALCIEDGSIHRIRAKNTVVATGGYGRTYFSCTSAHTSTGDGTAMITRAGLPCQDLEFV
QFHPTGIYGAGCLITEGCRGEGGILINSQGERFMERYAPVAKDLASRDVVSRSMTLEIREGRGCGPEKDHVYLQLHHLPP
EQLATRLPGISETAMIFAGVDVTKEPIPVLPTVHYNMGGIPTNYKGQVLRHVNGQDQIVPGLYACGEAACASVHGANRLG
ANSLLDLVVFGRACALSIEESCRPGDKVPPIKPNAGEESVMNLDKLRFADGSIRTSELRLSMQKSMQNHAAVFRVGSVLQ
EGCGKISKLYGDLKHLKTFDRGMVWNTDLVETLELQNLMLCALQTIYGAEARKESRGAHAREDYKVRIDEYDYSKPIQGQ
QKKPFEEHWRKHTLSYVDVGTGKVTLEYRPVIDKTLNEADCATVPPAIRSY
;
A
2 'polypeptide(L)'
;MRSHHHHHHENLYFQGIDPFTGSSSSQGGKSELVKQSLKKPKLPEGRFDAPEDSHLEKEPLEKFPDDVNPVTKEKGGPRG
PEPTRYGDWERKGRCIDF
;
B
#
# COMPACT_ATOMS: atom_id res chain seq x y z
N GLN A 1 -30.45 -20.72 -8.68
CA GLN A 1 -30.33 -20.52 -7.24
C GLN A 1 -28.99 -21.06 -6.71
N TYR A 2 -28.37 -20.31 -5.81
CA TYR A 2 -27.10 -20.68 -5.19
C TYR A 2 -27.33 -21.01 -3.72
N PRO A 3 -26.65 -22.02 -3.17
CA PRO A 3 -26.76 -22.28 -1.73
C PRO A 3 -26.29 -21.03 -1.01
N VAL A 4 -27.21 -20.45 -0.22
CA VAL A 4 -26.93 -19.20 0.52
C VAL A 4 -27.01 -19.53 2.01
N VAL A 5 -25.92 -19.27 2.71
CA VAL A 5 -25.77 -19.60 4.12
C VAL A 5 -25.63 -18.28 4.88
N ASP A 6 -26.45 -18.10 5.91
CA ASP A 6 -26.41 -16.88 6.71
C ASP A 6 -25.67 -17.16 8.01
N HIS A 7 -24.84 -16.21 8.40
CA HIS A 7 -24.14 -16.22 9.67
C HIS A 7 -24.40 -14.91 10.40
N GLU A 8 -24.22 -14.95 11.71
CA GLU A 8 -24.36 -13.77 12.53
C GLU A 8 -23.18 -13.69 13.49
N PHE A 9 -22.49 -12.54 13.47
CA PHE A 9 -21.37 -12.24 14.34
C PHE A 9 -21.55 -10.86 14.94
N ASP A 10 -20.77 -10.57 15.99
CA ASP A 10 -20.73 -9.19 16.47
C ASP A 10 -20.00 -8.30 15.48
N ALA A 11 -18.90 -8.79 14.92
CA ALA A 11 -18.07 -8.01 14.02
C ALA A 11 -17.51 -8.93 12.97
N VAL A 12 -17.27 -8.38 11.79
CA VAL A 12 -16.60 -9.11 10.72
C VAL A 12 -15.45 -8.25 10.20
N VAL A 13 -14.28 -8.86 10.07
CA VAL A 13 -13.09 -8.23 9.54
C VAL A 13 -12.82 -8.90 8.21
N VAL A 14 -12.68 -8.12 7.14
CA VAL A 14 -12.35 -8.62 5.83
C VAL A 14 -10.86 -8.34 5.62
N GLY A 15 -10.06 -9.40 5.71
CA GLY A 15 -8.64 -9.29 5.59
C GLY A 15 -7.94 -9.85 6.82
N ALA A 16 -6.85 -10.57 6.56
CA ALA A 16 -6.04 -11.21 7.59
C ALA A 16 -4.57 -10.90 7.38
N GLY A 17 -4.27 -9.71 6.89
CA GLY A 17 -2.92 -9.16 6.93
C GLY A 17 -2.67 -8.52 8.28
N GLY A 18 -1.63 -7.69 8.36
CA GLY A 18 -1.33 -7.08 9.65
C GLY A 18 -2.48 -6.25 10.19
N ALA A 19 -3.16 -5.51 9.33
CA ALA A 19 -4.22 -4.64 9.81
C ALA A 19 -5.43 -5.45 10.24
N GLY A 20 -5.91 -6.34 9.38
CA GLY A 20 -7.07 -7.11 9.73
C GLY A 20 -6.85 -8.01 10.94
N LEU A 21 -5.68 -8.65 11.03
CA LEU A 21 -5.39 -9.45 12.21
C LEU A 21 -5.34 -8.59 13.47
N ARG A 22 -4.78 -7.39 13.39
CA ARG A 22 -4.74 -6.58 14.61
C ARG A 22 -6.15 -6.23 15.06
N ALA A 23 -7.04 -5.91 14.12
CA ALA A 23 -8.42 -5.60 14.47
C ALA A 23 -9.16 -6.84 14.98
N ALA A 24 -9.01 -7.97 14.30
CA ALA A 24 -9.74 -9.16 14.71
C ALA A 24 -9.24 -9.65 16.07
N PHE A 25 -7.93 -9.69 16.28
CA PHE A 25 -7.42 -10.05 17.58
C PHE A 25 -7.96 -9.13 18.65
N GLY A 26 -7.92 -7.82 18.40
CA GLY A 26 -8.40 -6.88 19.39
C GLY A 26 -9.85 -7.09 19.74
N LEU A 27 -10.70 -7.30 18.74
CA LEU A 27 -12.12 -7.51 18.99
C LEU A 27 -12.36 -8.80 19.75
N SER A 28 -11.72 -9.89 19.32
CA SER A 28 -11.90 -11.16 20.00
C SER A 28 -11.39 -11.11 21.43
N GLU A 29 -10.23 -10.49 21.66
CA GLU A 29 -9.68 -10.37 23.01
C GLU A 29 -10.63 -9.60 23.92
N ALA A 30 -11.37 -8.66 23.35
CA ALA A 30 -12.35 -7.87 24.10
C ALA A 30 -13.69 -8.59 24.24
N GLY A 31 -13.82 -9.81 23.75
CA GLY A 31 -15.02 -10.58 23.93
C GLY A 31 -16.04 -10.52 22.81
N PHE A 32 -15.74 -9.83 21.71
CA PHE A 32 -16.65 -9.79 20.58
C PHE A 32 -16.52 -11.07 19.78
N ASN A 33 -17.66 -11.64 19.39
CA ASN A 33 -17.71 -12.80 18.50
C ASN A 33 -17.38 -12.30 17.11
N THR A 34 -16.17 -12.60 16.66
CA THR A 34 -15.57 -11.93 15.51
C THR A 34 -15.25 -12.95 14.43
N ALA A 35 -15.65 -12.63 13.21
CA ALA A 35 -15.32 -13.41 12.03
C ALA A 35 -14.25 -12.64 11.27
N CYS A 36 -13.29 -13.38 10.70
CA CYS A 36 -12.24 -12.82 9.85
C CYS A 36 -12.30 -13.57 8.53
N VAL A 37 -12.68 -12.84 7.48
CA VAL A 37 -12.90 -13.35 6.13
C VAL A 37 -11.67 -13.02 5.32
N THR A 38 -11.03 -14.03 4.74
CA THR A 38 -9.79 -13.80 4.01
C THR A 38 -9.66 -14.75 2.83
N LYS A 39 -9.32 -14.17 1.68
CA LYS A 39 -9.20 -14.98 0.48
C LYS A 39 -7.93 -15.82 0.50
N LEU A 40 -6.90 -15.36 1.20
CA LEU A 40 -5.66 -16.09 1.37
C LEU A 40 -5.60 -16.65 2.77
N PHE A 41 -4.81 -17.70 2.95
CA PHE A 41 -4.49 -18.09 4.32
C PHE A 41 -3.79 -16.92 5.01
N PRO A 42 -4.07 -16.67 6.30
CA PRO A 42 -3.62 -15.40 6.89
C PRO A 42 -2.14 -15.12 6.73
N THR A 43 -1.30 -16.11 6.98
CA THR A 43 0.13 -15.89 6.95
C THR A 43 0.69 -15.82 5.54
N ARG A 44 -0.15 -15.91 4.49
CA ARG A 44 0.28 -15.65 3.12
C ARG A 44 -0.09 -14.26 2.64
N SER A 45 -0.71 -13.44 3.48
CA SER A 45 -0.97 -12.04 3.16
C SER A 45 0.32 -11.30 2.85
N HIS A 46 0.20 -10.22 2.06
CA HIS A 46 1.40 -9.52 1.60
C HIS A 46 2.26 -9.03 2.76
N THR A 47 1.64 -8.74 3.91
CA THR A 47 2.40 -8.34 5.09
C THR A 47 3.56 -9.28 5.38
N VAL A 48 3.42 -10.56 5.03
CA VAL A 48 4.50 -11.53 5.26
C VAL A 48 5.78 -11.16 4.55
N ALA A 49 5.70 -10.40 3.46
CA ALA A 49 6.89 -10.04 2.69
C ALA A 49 7.62 -8.83 3.27
N ALA A 50 7.06 -8.21 4.29
CA ALA A 50 7.61 -6.97 4.83
C ALA A 50 8.67 -7.34 5.86
N GLN A 51 9.88 -7.55 5.37
CA GLN A 51 10.96 -8.05 6.21
C GLN A 51 11.60 -6.95 7.03
N GLY A 52 11.38 -5.69 6.68
CA GLY A 52 12.11 -4.58 7.26
C GLY A 52 11.54 -4.03 8.55
N GLY A 53 11.36 -2.71 8.60
CA GLY A 53 11.19 -2.03 9.85
C GLY A 53 9.80 -1.48 10.10
N ILE A 54 9.63 -1.05 11.35
CA ILE A 54 8.42 -0.40 11.86
C ILE A 54 8.90 0.75 12.75
N ASN A 55 8.44 1.97 12.46
CA ASN A 55 8.92 3.15 13.17
C ASN A 55 8.18 3.37 14.48
N ALA A 56 8.93 3.74 15.51
CA ALA A 56 8.32 4.16 16.77
C ALA A 56 9.35 4.92 17.57
N ALA A 57 8.97 6.08 18.13
CA ALA A 57 9.93 6.93 18.84
C ALA A 57 10.13 6.48 20.29
N LEU A 58 10.78 5.32 20.41
CA LEU A 58 11.09 4.78 21.73
C LEU A 58 12.22 5.53 22.41
N GLY A 59 13.12 6.11 21.65
CA GLY A 59 14.26 6.82 22.22
C GLY A 59 15.28 5.91 22.85
N ASN A 60 15.52 4.74 22.26
CA ASN A 60 16.47 3.81 22.83
C ASN A 60 17.90 4.04 22.40
N MET A 61 18.11 4.64 21.23
CA MET A 61 19.45 4.89 20.75
C MET A 61 19.91 6.30 21.05
N GLU A 62 18.98 7.20 21.29
CA GLU A 62 19.21 8.60 21.59
C GLU A 62 17.87 9.18 22.00
N GLU A 63 17.89 10.41 22.50
N GLU A 63 17.91 10.40 22.53
CA GLU A 63 16.63 11.04 22.92
CA GLU A 63 16.69 11.15 22.77
C GLU A 63 15.77 11.34 21.69
C GLU A 63 15.83 11.12 21.51
N ASP A 64 14.56 10.80 21.68
CA ASP A 64 13.61 10.94 20.58
C ASP A 64 12.30 11.48 21.16
N ASN A 65 11.37 11.78 20.27
CA ASN A 65 10.09 12.37 20.66
C ASN A 65 9.13 12.02 19.55
N TRP A 66 8.00 11.40 19.89
CA TRP A 66 7.05 11.02 18.85
C TRP A 66 6.55 12.21 18.03
N ARG A 67 6.60 13.43 18.59
CA ARG A 67 6.20 14.62 17.84
C ARG A 67 7.16 14.88 16.69
N TRP A 68 8.41 14.42 16.81
CA TRP A 68 9.36 14.54 15.71
C TRP A 68 9.05 13.56 14.59
N HIS A 69 8.54 12.38 14.94
CA HIS A 69 8.02 11.42 13.97
C HIS A 69 6.75 11.95 13.31
N PHE A 70 5.89 12.59 14.08
CA PHE A 70 4.75 13.31 13.53
C PHE A 70 5.20 14.27 12.44
N TYR A 71 6.21 15.10 12.74
CA TYR A 71 6.65 16.11 11.81
C TYR A 71 7.16 15.47 10.54
N ASP A 72 7.99 14.44 10.68
CA ASP A 72 8.55 13.77 9.52
C ASP A 72 7.45 13.23 8.62
N THR A 73 6.40 12.69 9.23
CA THR A 73 5.31 12.07 8.48
C THR A 73 4.46 13.13 7.79
N VAL A 74 4.18 14.23 8.46
CA VAL A 74 3.47 15.33 7.82
C VAL A 74 4.25 15.85 6.63
N LYS A 75 5.53 16.18 6.85
CA LYS A 75 6.33 16.73 5.75
C LYS A 75 6.42 15.72 4.61
N GLY A 76 6.59 14.45 4.94
CA GLY A 76 6.68 13.43 3.91
C GLY A 76 5.41 13.32 3.10
N SER A 77 4.26 13.56 3.74
CA SER A 77 2.96 13.53 3.09
C SER A 77 2.75 14.70 2.14
N ASP A 78 3.68 15.67 2.10
CA ASP A 78 3.57 16.87 1.28
C ASP A 78 2.29 17.64 1.59
N TRP A 79 1.86 17.57 2.85
CA TRP A 79 0.71 18.33 3.39
C TRP A 79 -0.61 17.91 2.78
N LEU A 80 -0.68 16.68 2.25
CA LEU A 80 -1.94 16.00 2.02
C LEU A 80 -2.29 15.05 3.17
N GLY A 81 -1.40 14.84 4.11
CA GLY A 81 -1.70 13.97 5.24
C GLY A 81 -2.60 14.70 6.24
N ASP A 82 -3.48 13.94 6.84
CA ASP A 82 -4.38 14.48 7.87
C ASP A 82 -3.66 14.43 9.20
N GLN A 83 -3.43 15.61 9.77
CA GLN A 83 -2.54 15.72 10.91
C GLN A 83 -3.15 15.12 12.17
N ASP A 84 -4.48 15.02 12.24
CA ASP A 84 -5.09 14.33 13.39
C ASP A 84 -4.77 12.83 13.37
N ALA A 85 -4.87 12.18 12.21
CA ALA A 85 -4.49 10.78 12.09
C ALA A 85 -3.00 10.59 12.26
N ILE A 86 -2.18 11.53 11.75
CA ILE A 86 -0.74 11.39 11.92
C ILE A 86 -0.35 11.55 13.38
N HIS A 87 -0.96 12.52 14.09
CA HIS A 87 -0.79 12.63 15.54
C HIS A 87 -1.13 11.32 16.22
N TYR A 88 -2.31 10.79 15.93
CA TYR A 88 -2.73 9.54 16.54
C TYR A 88 -1.70 8.44 16.30
N MET A 89 -1.29 8.25 15.05
CA MET A 89 -0.40 7.13 14.74
C MET A 89 0.94 7.25 15.43
N THR A 90 1.56 8.43 15.33
CA THR A 90 2.90 8.58 15.88
C THR A 90 2.90 8.58 17.40
N GLU A 91 1.86 9.13 18.04
CA GLU A 91 1.82 9.10 19.50
C GLU A 91 1.56 7.68 20.00
N GLN A 92 0.84 6.88 19.23
CA GLN A 92 0.55 5.51 19.64
C GLN A 92 1.69 4.55 19.33
N ALA A 93 2.63 4.94 18.46
CA ALA A 93 3.59 3.96 17.96
C ALA A 93 4.46 3.34 19.04
N PRO A 94 5.00 4.08 20.00
CA PRO A 94 5.83 3.45 21.03
C PRO A 94 5.06 2.40 21.82
N ALA A 95 3.81 2.71 22.17
CA ALA A 95 3.01 1.73 22.91
C ALA A 95 2.66 0.54 22.04
N ALA A 96 2.42 0.77 20.75
CA ALA A 96 2.07 -0.32 19.87
C ALA A 96 3.23 -1.31 19.76
N VAL A 97 4.45 -0.79 19.60
CA VAL A 97 5.59 -1.68 19.45
C VAL A 97 5.84 -2.46 20.74
N VAL A 98 5.74 -1.80 21.89
CA VAL A 98 5.93 -2.51 23.15
C VAL A 98 4.84 -3.55 23.35
N GLU A 99 3.59 -3.23 22.98
CA GLU A 99 2.53 -4.22 23.04
C GLU A 99 2.89 -5.44 22.21
N LEU A 100 3.33 -5.22 20.98
CA LEU A 100 3.67 -6.33 20.12
C LEU A 100 4.79 -7.17 20.72
N GLU A 101 5.80 -6.52 21.30
CA GLU A 101 6.85 -7.25 21.97
C GLU A 101 6.27 -8.13 23.08
N ASN A 102 5.34 -7.56 23.87
CA ASN A 102 4.76 -8.31 24.98
C ASN A 102 3.92 -9.48 24.49
N TYR A 103 3.31 -9.35 23.31
CA TYR A 103 2.55 -10.42 22.71
C TYR A 103 3.42 -11.52 22.14
N GLY A 104 4.71 -11.28 21.98
CA GLY A 104 5.67 -12.31 21.58
C GLY A 104 6.50 -11.99 20.36
N MET A 105 6.41 -10.80 19.77
CA MET A 105 7.26 -10.46 18.64
C MET A 105 8.66 -10.16 19.15
N PRO A 106 9.68 -10.91 18.73
CA PRO A 106 11.03 -10.77 19.31
C PRO A 106 11.84 -9.70 18.59
N PHE A 107 11.47 -8.44 18.81
CA PHE A 107 12.25 -7.34 18.28
C PHE A 107 13.71 -7.46 18.70
N SER A 108 14.61 -7.13 17.78
CA SER A 108 16.02 -7.19 18.12
C SER A 108 16.34 -6.20 19.24
N ARG A 109 17.42 -6.47 19.95
CA ARG A 109 17.72 -5.74 21.18
C ARG A 109 19.15 -5.21 21.19
N THR A 110 19.33 -4.09 21.88
CA THR A 110 20.68 -3.59 22.13
C THR A 110 21.35 -4.44 23.21
N GLU A 111 22.65 -4.22 23.38
N GLU A 111 22.66 -4.18 23.40
CA GLU A 111 23.37 -4.90 24.46
CA GLU A 111 23.41 -4.87 24.45
C GLU A 111 22.70 -4.66 25.80
C GLU A 111 22.90 -4.53 25.84
N ASP A 112 22.12 -3.46 26.00
CA ASP A 112 21.52 -3.11 27.26
C ASP A 112 20.08 -3.60 27.41
N GLY A 113 19.55 -4.33 26.43
CA GLY A 113 18.24 -4.92 26.56
C GLY A 113 17.09 -4.08 26.04
N LYS A 114 17.36 -2.95 25.39
CA LYS A 114 16.29 -2.17 24.80
C LYS A 114 16.07 -2.63 23.36
N ILE A 115 14.90 -2.31 22.81
CA ILE A 115 14.67 -2.57 21.39
C ILE A 115 15.64 -1.75 20.58
N TYR A 116 16.38 -2.43 19.70
CA TYR A 116 17.38 -1.78 18.86
C TYR A 116 16.68 -0.99 17.76
N GLN A 117 17.25 0.16 17.40
CA GLN A 117 16.60 0.99 16.39
C GLN A 117 17.62 1.54 15.40
N ARG A 118 17.13 1.74 14.17
CA ARG A 118 17.94 2.16 13.04
C ARG A 118 17.43 3.47 12.45
N ALA A 119 18.35 4.24 11.85
CA ALA A 119 17.94 5.34 11.00
C ALA A 119 17.34 4.80 9.70
N PHE A 120 16.28 5.46 9.23
CA PHE A 120 15.59 4.99 8.03
C PHE A 120 14.64 6.05 7.51
N GLY A 121 14.47 6.06 6.19
CA GLY A 121 13.38 6.82 5.61
C GLY A 121 13.55 8.32 5.69
N GLY A 122 14.76 8.80 5.94
CA GLY A 122 14.99 10.22 6.07
C GLY A 122 14.45 10.84 7.33
N GLN A 123 14.15 10.02 8.33
CA GLN A 123 13.58 10.55 9.56
C GLN A 123 14.58 11.39 10.32
N SER A 124 14.05 12.35 11.07
CA SER A 124 14.86 13.38 11.69
C SER A 124 14.46 13.57 13.14
N LEU A 125 15.36 14.19 13.89
CA LEU A 125 15.11 14.69 15.22
C LEU A 125 14.81 16.18 15.17
N LYS A 126 14.11 16.66 16.20
CA LYS A 126 13.88 18.09 16.44
C LYS A 126 13.27 18.83 15.24
N PHE A 127 12.19 18.27 14.71
CA PHE A 127 11.41 18.93 13.66
C PHE A 127 12.29 19.28 12.47
N GLY A 128 13.10 18.31 12.06
CA GLY A 128 13.93 18.43 10.89
C GLY A 128 15.28 19.07 11.13
N LYS A 129 15.51 19.65 12.31
CA LYS A 129 16.74 20.40 12.55
C LYS A 129 17.74 19.64 13.41
N GLY A 130 17.39 18.42 13.85
CA GLY A 130 18.21 17.70 14.80
C GLY A 130 19.06 16.59 14.23
N GLY A 131 19.20 16.49 12.92
CA GLY A 131 19.92 15.38 12.35
C GLY A 131 19.06 14.13 12.29
N GLN A 132 19.71 13.01 12.03
CA GLN A 132 19.03 11.75 11.75
C GLN A 132 18.46 11.12 13.01
N ALA A 133 17.24 10.64 12.91
CA ALA A 133 16.65 9.84 13.97
C ALA A 133 17.01 8.37 13.78
N HIS A 134 16.87 7.61 14.86
CA HIS A 134 17.10 6.16 14.86
C HIS A 134 15.87 5.58 15.56
N ARG A 135 14.78 5.42 14.82
CA ARG A 135 13.54 4.94 15.43
C ARG A 135 12.93 3.74 14.71
N CYS A 136 13.65 3.11 13.79
CA CYS A 136 13.11 2.01 13.02
C CYS A 136 13.47 0.68 13.67
N CYS A 137 12.46 -0.10 14.05
CA CYS A 137 12.58 -1.34 14.79
C CYS A 137 12.31 -2.54 13.89
N CYS A 138 12.86 -3.69 14.24
CA CYS A 138 12.66 -4.87 13.40
C CYS A 138 12.79 -6.14 14.21
N VAL A 139 12.39 -7.25 13.59
CA VAL A 139 12.52 -8.60 14.13
C VAL A 139 13.39 -9.37 13.15
N ALA A 140 14.63 -9.68 13.53
CA ALA A 140 15.51 -10.56 12.74
C ALA A 140 15.48 -10.08 11.30
N ASP A 141 15.18 -10.95 10.33
CA ASP A 141 14.96 -10.58 8.95
C ASP A 141 13.54 -10.91 8.52
N ARG A 142 12.56 -10.74 9.44
N ARG A 142 12.58 -10.76 9.42
CA ARG A 142 11.22 -11.28 9.15
CA ARG A 142 11.23 -11.27 9.15
C ARG A 142 10.13 -10.52 9.91
C ARG A 142 10.16 -10.53 9.95
N THR A 143 10.22 -9.19 9.97
CA THR A 143 9.29 -8.44 10.82
C THR A 143 7.82 -8.74 10.50
N GLY A 144 7.46 -8.66 9.23
CA GLY A 144 6.06 -8.86 8.86
C GLY A 144 5.58 -10.28 9.13
N HIS A 145 6.42 -11.27 8.86
CA HIS A 145 6.12 -12.66 9.18
C HIS A 145 5.89 -12.82 10.66
N SER A 146 6.75 -12.21 11.48
CA SER A 146 6.58 -12.30 12.93
C SER A 146 5.28 -11.63 13.37
N LEU A 147 4.96 -10.47 12.77
CA LEU A 147 3.71 -9.78 13.09
C LEU A 147 2.51 -10.68 12.79
N LEU A 148 2.46 -11.28 11.59
CA LEU A 148 1.28 -12.09 11.27
C LEU A 148 1.18 -13.30 12.18
N HIS A 149 2.27 -14.02 12.39
CA HIS A 149 2.20 -15.18 13.26
C HIS A 149 1.83 -14.80 14.69
N THR A 150 2.35 -13.67 15.19
CA THR A 150 2.02 -13.25 16.55
C THR A 150 0.53 -12.95 16.67
N LEU A 151 -0.01 -12.17 15.76
CA LEU A 151 -1.41 -11.77 15.91
C LEU A 151 -2.35 -12.90 15.56
N TYR A 152 -2.05 -13.64 14.49
CA TYR A 152 -2.90 -14.79 14.14
C TYR A 152 -2.86 -15.80 15.28
N GLY A 153 -1.66 -16.18 15.72
CA GLY A 153 -1.58 -17.12 16.82
C GLY A 153 -2.29 -16.67 18.08
N ARG A 154 -2.11 -15.41 18.46
CA ARG A 154 -2.70 -14.98 19.73
C ARG A 154 -4.21 -14.93 19.63
N SER A 155 -4.75 -14.76 18.43
CA SER A 155 -6.20 -14.67 18.28
C SER A 155 -6.85 -16.02 18.53
N LEU A 156 -6.13 -17.13 18.34
CA LEU A 156 -6.76 -18.44 18.38
C LEU A 156 -7.36 -18.75 19.74
N ARG A 157 -6.70 -18.33 20.83
CA ARG A 157 -7.24 -18.61 22.16
C ARG A 157 -8.52 -17.84 22.42
N TYR A 158 -8.78 -16.78 21.65
CA TYR A 158 -9.98 -15.98 21.81
C TYR A 158 -11.04 -16.35 20.79
N ASP A 159 -10.82 -17.42 20.04
CA ASP A 159 -11.86 -18.06 19.24
C ASP A 159 -12.36 -17.19 18.11
N THR A 160 -11.46 -16.43 17.50
CA THR A 160 -11.78 -15.75 16.26
C THR A 160 -12.18 -16.81 15.24
N SER A 161 -13.26 -16.55 14.50
CA SER A 161 -13.74 -17.46 13.47
C SER A 161 -13.18 -17.05 12.11
N TYR A 162 -12.28 -17.86 11.57
CA TYR A 162 -11.63 -17.57 10.29
C TYR A 162 -12.39 -18.25 9.15
N PHE A 163 -12.72 -17.47 8.15
CA PHE A 163 -13.33 -17.95 6.90
C PHE A 163 -12.21 -17.80 5.86
N VAL A 164 -11.45 -18.88 5.67
N VAL A 164 -11.39 -18.84 5.72
CA VAL A 164 -10.25 -18.89 4.86
CA VAL A 164 -10.23 -18.76 4.84
C VAL A 164 -10.62 -19.31 3.45
C VAL A 164 -10.62 -19.28 3.47
N GLU A 165 -10.00 -18.70 2.44
CA GLU A 165 -10.39 -18.95 1.06
C GLU A 165 -11.85 -18.55 0.81
N TYR A 166 -12.26 -17.47 1.44
CA TYR A 166 -13.54 -16.83 1.16
C TYR A 166 -13.25 -15.49 0.50
N PHE A 167 -14.01 -15.19 -0.55
CA PHE A 167 -13.80 -13.99 -1.35
C PHE A 167 -14.94 -13.03 -1.09
N ALA A 168 -14.65 -11.93 -0.42
CA ALA A 168 -15.69 -10.94 -0.17
C ALA A 168 -16.09 -10.29 -1.48
N LEU A 169 -17.40 -10.26 -1.72
CA LEU A 169 -17.98 -9.76 -2.98
C LEU A 169 -18.52 -8.36 -2.83
N ASP A 170 -19.18 -8.05 -1.71
CA ASP A 170 -19.81 -6.76 -1.53
C ASP A 170 -20.14 -6.58 -0.06
N LEU A 171 -20.28 -5.33 0.34
CA LEU A 171 -20.84 -4.99 1.63
C LEU A 171 -22.36 -5.20 1.63
N LEU A 172 -22.90 -5.61 2.78
CA LEU A 172 -24.35 -5.65 3.00
C LEU A 172 -24.78 -4.29 3.56
N MET A 173 -25.09 -3.36 2.66
CA MET A 173 -25.51 -2.03 3.06
C MET A 173 -27.02 -2.00 3.18
N GLU A 174 -27.52 -1.29 4.18
CA GLU A 174 -28.95 -1.06 4.25
C GLU A 174 -29.15 0.34 4.81
N ASN A 175 -29.84 1.19 4.06
CA ASN A 175 -30.14 2.54 4.53
C ASN A 175 -28.93 3.25 5.12
N GLY A 176 -27.82 3.17 4.39
CA GLY A 176 -26.62 3.93 4.67
C GLY A 176 -25.75 3.37 5.76
N GLU A 177 -26.03 2.17 6.23
CA GLU A 177 -25.20 1.55 7.26
C GLU A 177 -24.77 0.19 6.77
N CYS A 178 -23.61 -0.24 7.24
CA CYS A 178 -23.12 -1.55 6.86
C CYS A 178 -23.57 -2.58 7.87
N ARG A 179 -24.10 -3.70 7.36
CA ARG A 179 -24.63 -4.77 8.19
C ARG A 179 -23.90 -6.07 7.97
N GLY A 180 -22.74 -6.02 7.32
CA GLY A 180 -21.90 -7.20 7.12
C GLY A 180 -21.37 -7.31 5.71
N VAL A 181 -21.07 -8.54 5.28
N VAL A 181 -21.09 -8.54 5.29
CA VAL A 181 -20.45 -8.77 3.97
CA VAL A 181 -20.49 -8.81 4.00
C VAL A 181 -21.04 -10.03 3.37
C VAL A 181 -21.19 -10.00 3.37
N ILE A 182 -21.15 -10.06 2.05
CA ILE A 182 -21.53 -11.26 1.31
C ILE A 182 -20.26 -11.77 0.63
N ALA A 183 -20.02 -13.07 0.74
CA ALA A 183 -18.75 -13.66 0.33
C ALA A 183 -18.99 -14.99 -0.37
N LEU A 184 -18.05 -15.33 -1.26
CA LEU A 184 -18.01 -16.61 -1.94
C LEU A 184 -17.06 -17.55 -1.24
N CYS A 185 -17.53 -18.75 -0.90
CA CYS A 185 -16.65 -19.81 -0.47
C CYS A 185 -15.97 -20.36 -1.73
N ILE A 186 -14.69 -20.08 -1.89
CA ILE A 186 -14.05 -20.45 -3.15
C ILE A 186 -13.97 -21.95 -3.30
N GLU A 187 -13.83 -22.68 -2.20
CA GLU A 187 -13.68 -24.13 -2.34
C GLU A 187 -14.94 -24.82 -2.84
N ASP A 188 -16.12 -24.41 -2.38
CA ASP A 188 -17.34 -25.12 -2.76
C ASP A 188 -18.33 -24.30 -3.56
N GLY A 189 -18.06 -23.02 -3.78
CA GLY A 189 -18.92 -22.21 -4.59
C GLY A 189 -20.16 -21.68 -3.89
N SER A 190 -20.31 -21.94 -2.61
CA SER A 190 -21.48 -21.44 -1.91
C SER A 190 -21.33 -19.96 -1.55
N ILE A 191 -22.47 -19.34 -1.29
CA ILE A 191 -22.57 -17.90 -1.02
C ILE A 191 -22.93 -17.74 0.45
N HIS A 192 -22.19 -16.89 1.14
CA HIS A 192 -22.35 -16.68 2.58
C HIS A 192 -22.63 -15.22 2.89
N ARG A 193 -23.72 -14.97 3.60
CA ARG A 193 -24.03 -13.63 4.08
C ARG A 193 -23.64 -13.58 5.54
N ILE A 194 -22.61 -12.81 5.84
CA ILE A 194 -22.06 -12.73 7.19
C ILE A 194 -22.54 -11.41 7.76
N ARG A 195 -23.59 -11.50 8.57
CA ARG A 195 -24.17 -10.32 9.20
C ARG A 195 -23.38 -9.96 10.44
N ALA A 196 -23.21 -8.67 10.67
CA ALA A 196 -22.52 -8.19 11.86
C ALA A 196 -22.91 -6.75 12.10
N LYS A 197 -22.77 -6.32 13.36
CA LYS A 197 -23.03 -4.93 13.70
C LYS A 197 -21.92 -4.00 13.19
N ASN A 198 -20.68 -4.49 13.10
CA ASN A 198 -19.59 -3.69 12.57
C ASN A 198 -18.75 -4.52 11.63
N THR A 199 -18.27 -3.88 10.56
CA THR A 199 -17.47 -4.49 9.51
C THR A 199 -16.20 -3.66 9.35
N VAL A 200 -15.06 -4.35 9.26
CA VAL A 200 -13.76 -3.72 9.10
C VAL A 200 -13.18 -4.20 7.78
N VAL A 201 -12.86 -3.29 6.89
CA VAL A 201 -12.29 -3.62 5.58
C VAL A 201 -10.78 -3.39 5.65
N ALA A 202 -10.01 -4.48 5.52
CA ALA A 202 -8.56 -4.45 5.65
C ALA A 202 -7.92 -5.31 4.56
N THR A 203 -8.28 -5.00 3.32
CA THR A 203 -8.02 -5.85 2.17
C THR A 203 -6.73 -5.55 1.41
N GLY A 204 -5.89 -4.66 1.90
CA GLY A 204 -4.61 -4.39 1.26
C GLY A 204 -4.74 -3.48 0.04
N GLY A 205 -3.71 -3.54 -0.80
CA GLY A 205 -3.56 -2.61 -1.90
C GLY A 205 -4.11 -3.10 -3.24
N TYR A 206 -3.82 -2.29 -4.26
CA TYR A 206 -4.28 -2.54 -5.62
C TYR A 206 -3.14 -2.40 -6.62
N GLY A 207 -1.95 -2.87 -6.24
CA GLY A 207 -0.78 -2.72 -7.09
C GLY A 207 -0.94 -3.37 -8.45
N ARG A 208 -1.75 -4.43 -8.54
CA ARG A 208 -1.92 -5.18 -9.78
C ARG A 208 -2.76 -4.44 -10.84
N THR A 209 -3.17 -3.21 -10.58
CA THR A 209 -3.62 -2.35 -11.66
C THR A 209 -2.49 -2.01 -12.63
N TYR A 210 -1.23 -2.16 -12.22
CA TYR A 210 -0.08 -1.81 -13.04
C TYR A 210 0.65 -3.06 -13.53
N PHE A 211 1.47 -2.85 -14.56
CA PHE A 211 2.21 -3.93 -15.17
C PHE A 211 3.34 -4.43 -14.26
N SER A 212 3.95 -3.56 -13.45
CA SER A 212 5.01 -3.97 -12.54
C SER A 212 4.71 -3.46 -11.15
N CYS A 213 4.53 -4.36 -10.19
N CYS A 213 4.65 -4.37 -10.17
CA CYS A 213 4.33 -4.00 -8.80
CA CYS A 213 4.20 -4.12 -8.81
C CYS A 213 5.03 -5.03 -7.92
C CYS A 213 4.88 -5.11 -7.88
N THR A 214 5.19 -4.66 -6.66
CA THR A 214 5.89 -5.50 -5.70
C THR A 214 4.99 -6.48 -4.95
N SER A 215 3.69 -6.48 -5.22
CA SER A 215 2.78 -7.42 -4.59
C SER A 215 2.44 -8.60 -5.50
N ALA A 216 1.98 -9.69 -4.88
CA ALA A 216 1.56 -10.85 -5.63
C ALA A 216 0.26 -10.56 -6.38
N HIS A 217 -0.14 -11.50 -7.24
CA HIS A 217 -1.25 -11.29 -8.14
C HIS A 217 -2.56 -11.11 -7.41
N THR A 218 -2.60 -11.38 -6.11
CA THR A 218 -3.84 -11.28 -5.34
C THR A 218 -4.11 -9.88 -4.81
N SER A 219 -3.23 -8.91 -5.02
CA SER A 219 -3.41 -7.55 -4.52
C SER A 219 -4.21 -6.75 -5.55
N THR A 220 -5.53 -6.88 -5.48
CA THR A 220 -6.43 -6.50 -6.56
C THR A 220 -7.48 -5.47 -6.14
N GLY A 221 -7.30 -4.78 -5.02
CA GLY A 221 -8.19 -3.70 -4.66
C GLY A 221 -9.60 -4.10 -4.35
N ASP A 222 -9.80 -5.29 -3.79
CA ASP A 222 -11.16 -5.81 -3.70
C ASP A 222 -11.99 -5.00 -2.71
N GLY A 223 -11.38 -4.55 -1.62
CA GLY A 223 -12.11 -3.76 -0.65
C GLY A 223 -12.47 -2.38 -1.16
N THR A 224 -11.53 -1.72 -1.87
N THR A 224 -11.52 -1.74 -1.84
CA THR A 224 -11.86 -0.43 -2.51
CA THR A 224 -11.76 -0.51 -2.57
C THR A 224 -12.97 -0.60 -3.55
C THR A 224 -12.98 -0.67 -3.48
N ALA A 225 -13.02 -1.76 -4.25
CA ALA A 225 -14.09 -1.98 -5.20
C ALA A 225 -15.43 -2.19 -4.50
N MET A 226 -15.42 -2.87 -3.35
CA MET A 226 -16.68 -3.03 -2.60
C MET A 226 -17.24 -1.68 -2.17
N ILE A 227 -16.35 -0.78 -1.74
CA ILE A 227 -16.74 0.57 -1.38
C ILE A 227 -17.34 1.28 -2.59
N THR A 228 -16.65 1.22 -3.74
CA THR A 228 -17.16 1.86 -4.95
C THR A 228 -18.54 1.34 -5.31
N ARG A 229 -18.75 0.02 -5.22
CA ARG A 229 -20.03 -0.56 -5.58
C ARG A 229 -21.14 -0.15 -4.63
N ALA A 230 -20.82 0.23 -3.39
CA ALA A 230 -21.80 0.77 -2.46
C ALA A 230 -22.11 2.24 -2.73
N GLY A 231 -21.50 2.86 -3.73
CA GLY A 231 -21.68 4.28 -3.95
C GLY A 231 -20.90 5.17 -3.02
N LEU A 232 -19.96 4.61 -2.27
CA LEU A 232 -19.12 5.38 -1.36
C LEU A 232 -17.86 5.81 -2.08
N PRO A 233 -17.24 6.88 -1.62
CA PRO A 233 -16.06 7.40 -2.31
C PRO A 233 -14.81 6.62 -1.95
N CYS A 234 -13.91 6.52 -2.90
CA CYS A 234 -12.52 6.23 -2.59
C CYS A 234 -11.77 7.55 -2.58
N GLN A 235 -10.54 7.53 -2.04
CA GLN A 235 -9.79 8.76 -1.83
C GLN A 235 -8.34 8.65 -2.28
N ASP A 236 -7.89 9.67 -3.00
CA ASP A 236 -6.47 9.86 -3.31
C ASP A 236 -5.90 8.68 -4.08
N LEU A 237 -6.72 8.02 -4.89
CA LEU A 237 -6.25 6.82 -5.59
C LEU A 237 -5.18 7.13 -6.62
N GLU A 238 -5.03 8.40 -7.03
CA GLU A 238 -3.95 8.75 -7.95
C GLU A 238 -2.57 8.73 -7.32
N PHE A 239 -2.46 8.69 -6.00
CA PHE A 239 -1.17 8.79 -5.32
C PHE A 239 -0.62 7.40 -5.11
N VAL A 240 0.22 6.99 -6.05
CA VAL A 240 0.79 5.64 -6.11
C VAL A 240 2.30 5.79 -5.98
N GLN A 241 2.90 5.04 -5.05
CA GLN A 241 4.34 5.16 -4.83
C GLN A 241 5.09 4.13 -5.64
N PHE A 242 6.04 4.61 -6.44
CA PHE A 242 6.88 3.76 -7.27
C PHE A 242 8.31 3.75 -6.76
N HIS A 243 9.03 2.71 -7.16
CA HIS A 243 10.48 2.62 -7.02
C HIS A 243 11.08 2.47 -8.41
N PRO A 244 12.25 3.07 -8.67
CA PRO A 244 12.77 3.06 -10.04
C PRO A 244 13.15 1.69 -10.56
N THR A 245 13.63 0.77 -9.69
CA THR A 245 14.34 -0.41 -10.19
C THR A 245 13.71 -1.68 -9.69
N GLY A 246 12.59 -2.05 -10.29
CA GLY A 246 11.98 -3.37 -10.10
C GLY A 246 12.40 -4.28 -11.24
N ILE A 247 12.61 -5.56 -10.93
CA ILE A 247 13.03 -6.51 -11.94
C ILE A 247 11.88 -6.79 -12.91
N TYR A 248 12.17 -6.65 -14.19
CA TYR A 248 11.14 -6.83 -15.21
C TYR A 248 10.63 -8.27 -15.19
N GLY A 249 9.31 -8.42 -15.13
CA GLY A 249 8.68 -9.72 -15.10
C GLY A 249 8.49 -10.30 -13.73
N ALA A 250 9.06 -9.66 -12.70
CA ALA A 250 8.99 -10.16 -11.35
C ALA A 250 8.43 -9.15 -10.36
N GLY A 251 8.74 -7.87 -10.55
CA GLY A 251 8.31 -6.85 -9.61
C GLY A 251 9.17 -6.72 -8.37
N CYS A 252 10.20 -7.55 -8.22
CA CYS A 252 11.11 -7.51 -7.09
C CYS A 252 12.01 -6.29 -7.21
N LEU A 253 12.01 -5.43 -6.20
CA LEU A 253 12.88 -4.26 -6.24
C LEU A 253 14.31 -4.68 -5.91
N ILE A 254 15.26 -3.98 -6.51
CA ILE A 254 16.66 -4.16 -6.15
C ILE A 254 17.21 -2.86 -5.58
N THR A 255 18.12 -3.03 -4.62
CA THR A 255 18.58 -1.92 -3.80
C THR A 255 19.31 -0.87 -4.62
N GLU A 256 19.19 0.37 -4.15
CA GLU A 256 20.03 1.45 -4.65
C GLU A 256 21.51 1.14 -4.51
N GLY A 257 21.86 0.18 -3.63
CA GLY A 257 23.26 -0.20 -3.50
C GLY A 257 23.86 -0.78 -4.77
N CYS A 258 23.02 -1.36 -5.64
CA CYS A 258 23.55 -1.82 -6.92
C CYS A 258 24.21 -0.69 -7.68
N ARG A 259 23.63 0.51 -7.61
CA ARG A 259 24.21 1.69 -8.22
C ARG A 259 25.28 2.31 -7.32
N GLY A 260 25.09 2.26 -6.00
CA GLY A 260 26.13 2.74 -5.11
C GLY A 260 27.43 1.98 -5.24
N GLU A 261 27.36 0.69 -5.54
CA GLU A 261 28.56 -0.12 -5.69
C GLU A 261 29.17 0.01 -7.09
N GLY A 262 28.54 0.76 -7.99
CA GLY A 262 29.09 1.01 -9.30
C GLY A 262 28.24 0.54 -10.46
N GLY A 263 27.11 -0.10 -10.22
CA GLY A 263 26.23 -0.49 -11.31
C GLY A 263 25.65 0.74 -12.00
N ILE A 264 25.33 0.57 -13.27
CA ILE A 264 24.88 1.68 -14.10
C ILE A 264 23.67 1.27 -14.92
N LEU A 265 22.82 2.26 -15.20
CA LEU A 265 21.63 2.05 -16.01
C LEU A 265 21.96 2.31 -17.47
N ILE A 266 21.53 1.40 -18.33
CA ILE A 266 21.83 1.44 -19.75
C ILE A 266 20.53 1.33 -20.53
N ASN A 267 20.46 2.03 -21.67
CA ASN A 267 19.30 1.93 -22.55
C ASN A 267 19.63 1.05 -23.75
N SER A 268 18.69 0.97 -24.70
CA SER A 268 18.85 0.05 -25.82
C SER A 268 20.02 0.43 -26.70
N GLN A 269 20.49 1.67 -26.63
CA GLN A 269 21.64 2.12 -27.42
C GLN A 269 22.96 1.88 -26.70
N GLY A 270 22.91 1.25 -25.52
CA GLY A 270 24.09 1.01 -24.71
C GLY A 270 24.58 2.21 -23.94
N GLU A 271 23.78 3.26 -23.82
CA GLU A 271 24.21 4.52 -23.24
C GLU A 271 23.91 4.55 -21.75
N ARG A 272 24.83 5.15 -20.99
CA ARG A 272 24.61 5.42 -19.57
C ARG A 272 23.81 6.73 -19.48
N PHE A 273 22.50 6.59 -19.59
CA PHE A 273 21.66 7.76 -19.83
C PHE A 273 21.53 8.70 -18.63
N MET A 274 21.82 8.24 -17.42
CA MET A 274 21.65 9.15 -16.29
C MET A 274 22.63 10.32 -16.35
N GLU A 275 23.77 10.16 -17.06
CA GLU A 275 24.69 11.28 -17.29
C GLU A 275 24.00 12.41 -18.05
N ARG A 276 22.91 12.11 -18.74
CA ARG A 276 22.15 13.12 -19.47
C ARG A 276 21.19 13.86 -18.54
N TYR A 277 20.49 13.15 -17.66
CA TYR A 277 19.45 13.75 -16.82
C TYR A 277 20.00 14.29 -15.51
N ALA A 278 21.15 13.79 -15.07
CA ALA A 278 21.71 14.17 -13.76
C ALA A 278 23.22 14.21 -13.93
N PRO A 279 23.73 15.24 -14.61
CA PRO A 279 25.16 15.23 -14.97
C PRO A 279 26.08 15.06 -13.79
N VAL A 280 25.67 15.51 -12.60
CA VAL A 280 26.51 15.38 -11.41
C VAL A 280 26.32 14.01 -10.76
N ALA A 281 25.09 13.69 -10.41
CA ALA A 281 24.81 12.52 -9.58
C ALA A 281 24.64 11.22 -10.36
N LYS A 282 24.32 11.30 -11.66
CA LYS A 282 24.29 10.12 -12.53
C LYS A 282 23.32 9.09 -11.96
N ASP A 283 23.70 7.81 -11.84
CA ASP A 283 22.79 6.75 -11.41
C ASP A 283 22.45 6.83 -9.93
N LEU A 284 23.17 7.64 -9.15
CA LEU A 284 22.82 7.89 -7.76
C LEU A 284 22.02 9.18 -7.59
N ALA A 285 21.41 9.68 -8.67
CA ALA A 285 20.40 10.69 -8.52
C ALA A 285 19.29 10.20 -7.60
N SER A 286 18.41 11.12 -7.21
CA SER A 286 17.29 10.75 -6.35
C SER A 286 16.40 9.71 -7.06
N ARG A 287 15.61 9.01 -6.26
CA ARG A 287 14.70 8.01 -6.82
C ARG A 287 13.71 8.62 -7.79
N ASP A 288 13.18 9.80 -7.47
CA ASP A 288 12.24 10.45 -8.37
C ASP A 288 12.89 10.78 -9.71
N VAL A 289 14.13 11.26 -9.67
CA VAL A 289 14.81 11.61 -10.92
C VAL A 289 15.14 10.36 -11.71
N VAL A 290 15.59 9.30 -11.03
CA VAL A 290 15.88 8.06 -11.75
C VAL A 290 14.61 7.49 -12.35
N SER A 291 13.52 7.50 -11.60
CA SER A 291 12.26 6.97 -12.09
C SER A 291 11.80 7.75 -13.31
N ARG A 292 11.84 9.09 -13.23
CA ARG A 292 11.43 9.90 -14.37
C ARG A 292 12.34 9.65 -15.56
N SER A 293 13.65 9.57 -15.33
CA SER A 293 14.59 9.40 -16.42
C SER A 293 14.38 8.06 -17.11
N MET A 294 14.22 6.99 -16.34
CA MET A 294 13.98 5.68 -16.94
C MET A 294 12.69 5.70 -17.74
N THR A 295 11.67 6.38 -17.23
CA THR A 295 10.39 6.43 -17.95
C THR A 295 10.52 7.17 -19.27
N LEU A 296 11.29 8.26 -19.30
CA LEU A 296 11.50 8.97 -20.55
C LEU A 296 12.30 8.14 -21.55
N GLU A 297 13.31 7.39 -21.07
CA GLU A 297 14.03 6.50 -21.96
C GLU A 297 13.07 5.56 -22.67
N ILE A 298 12.15 4.97 -21.91
CA ILE A 298 11.21 4.01 -22.48
C ILE A 298 10.22 4.71 -23.39
N ARG A 299 9.68 5.84 -22.94
CA ARG A 299 8.70 6.58 -23.75
C ARG A 299 9.29 7.02 -25.08
N GLU A 300 10.54 7.50 -25.08
CA GLU A 300 11.14 8.08 -26.27
C GLU A 300 11.76 7.03 -27.19
N GLY A 301 11.54 5.75 -26.92
CA GLY A 301 11.92 4.71 -27.84
C GLY A 301 13.25 4.04 -27.57
N ARG A 302 13.81 4.19 -26.37
CA ARG A 302 15.12 3.64 -26.07
C ARG A 302 15.03 2.50 -25.05
N GLY A 303 13.84 1.93 -24.91
CA GLY A 303 13.68 0.78 -24.04
C GLY A 303 14.25 -0.48 -24.66
N CYS A 304 14.56 -1.43 -23.78
CA CYS A 304 15.22 -2.67 -24.15
C CYS A 304 14.21 -3.81 -24.17
N GLY A 305 14.63 -4.92 -24.77
CA GLY A 305 13.81 -6.09 -24.84
C GLY A 305 12.94 -6.10 -26.08
N PRO A 306 12.27 -7.22 -26.35
CA PRO A 306 11.40 -7.30 -27.52
C PRO A 306 10.34 -6.22 -27.56
N GLU A 307 9.81 -5.81 -26.40
CA GLU A 307 8.75 -4.82 -26.34
C GLU A 307 9.25 -3.43 -25.97
N LYS A 308 10.57 -3.25 -25.86
CA LYS A 308 11.17 -1.94 -25.59
C LYS A 308 10.51 -1.28 -24.39
N ASP A 309 10.32 -2.06 -23.33
CA ASP A 309 9.51 -1.62 -22.21
C ASP A 309 10.25 -1.63 -20.88
N HIS A 310 11.58 -1.74 -20.90
CA HIS A 310 12.39 -1.70 -19.69
C HIS A 310 13.76 -1.14 -20.06
N VAL A 311 14.61 -0.95 -19.06
CA VAL A 311 16.01 -0.66 -19.33
C VAL A 311 16.87 -1.70 -18.60
N TYR A 312 18.18 -1.49 -18.55
CA TYR A 312 19.10 -2.46 -18.00
C TYR A 312 19.86 -1.84 -16.84
N LEU A 313 20.10 -2.64 -15.80
N LEU A 313 20.09 -2.63 -15.79
CA LEU A 313 21.01 -2.29 -14.73
CA LEU A 313 21.02 -2.26 -14.73
C LEU A 313 22.24 -3.17 -14.88
C LEU A 313 22.23 -3.16 -14.88
N GLN A 314 23.37 -2.56 -15.26
CA GLN A 314 24.58 -3.31 -15.59
C GLN A 314 25.48 -3.42 -14.37
N LEU A 315 25.82 -4.66 -14.02
CA LEU A 315 26.78 -4.96 -12.95
C LEU A 315 27.96 -5.78 -13.42
N HIS A 316 27.91 -6.35 -14.63
CA HIS A 316 28.92 -7.32 -15.06
C HIS A 316 30.29 -6.70 -15.32
N HIS A 317 30.41 -5.37 -15.26
CA HIS A 317 31.73 -4.74 -15.32
C HIS A 317 32.42 -4.72 -13.97
N LEU A 318 31.71 -5.04 -12.90
CA LEU A 318 32.37 -5.04 -11.59
C LEU A 318 33.05 -6.39 -11.36
N PRO A 319 34.19 -6.40 -10.69
CA PRO A 319 34.87 -7.68 -10.45
C PRO A 319 33.99 -8.57 -9.60
N PRO A 320 33.87 -9.85 -9.96
CA PRO A 320 32.96 -10.75 -9.23
C PRO A 320 33.22 -10.78 -7.74
N GLU A 321 34.46 -10.62 -7.29
CA GLU A 321 34.74 -10.62 -5.87
C GLU A 321 34.05 -9.46 -5.17
N GLN A 322 34.05 -8.28 -5.80
CA GLN A 322 33.34 -7.14 -5.21
C GLN A 322 31.85 -7.44 -5.07
N LEU A 323 31.23 -7.91 -6.15
CA LEU A 323 29.82 -8.25 -6.08
C LEU A 323 29.56 -9.20 -4.92
N ALA A 324 30.38 -10.25 -4.80
CA ALA A 324 30.16 -11.24 -3.77
C ALA A 324 30.31 -10.65 -2.37
N THR A 325 31.26 -9.73 -2.20
CA THR A 325 31.52 -9.23 -0.86
C THR A 325 30.72 -7.97 -0.51
N ARG A 326 30.50 -7.06 -1.48
CA ARG A 326 29.78 -5.83 -1.19
C ARG A 326 28.28 -5.96 -1.37
N LEU A 327 27.81 -6.80 -2.29
CA LEU A 327 26.40 -7.04 -2.53
C LEU A 327 26.08 -8.53 -2.41
N PRO A 328 26.42 -9.15 -1.29
CA PRO A 328 26.14 -10.58 -1.16
C PRO A 328 24.68 -10.89 -1.42
N GLY A 329 24.45 -11.90 -2.25
CA GLY A 329 23.13 -12.36 -2.58
C GLY A 329 22.57 -11.82 -3.87
N ILE A 330 23.15 -10.76 -4.42
CA ILE A 330 22.57 -10.18 -5.61
C ILE A 330 22.61 -11.19 -6.76
N SER A 331 23.65 -12.02 -6.82
N SER A 331 23.66 -12.01 -6.82
CA SER A 331 23.71 -13.04 -7.86
CA SER A 331 23.73 -13.05 -7.84
C SER A 331 22.53 -13.99 -7.75
C SER A 331 22.54 -13.99 -7.74
N GLU A 332 22.26 -14.49 -6.53
CA GLU A 332 21.15 -15.41 -6.34
C GLU A 332 19.82 -14.74 -6.68
N THR A 333 19.63 -13.50 -6.23
CA THR A 333 18.39 -12.79 -6.52
C THR A 333 18.20 -12.59 -8.01
N ALA A 334 19.26 -12.17 -8.71
CA ALA A 334 19.14 -11.95 -10.15
C ALA A 334 18.83 -13.24 -10.88
N MET A 335 19.44 -14.35 -10.45
CA MET A 335 19.17 -15.64 -11.08
C MET A 335 17.73 -16.10 -10.80
N ILE A 336 17.30 -15.99 -9.54
CA ILE A 336 15.97 -16.47 -9.17
C ILE A 336 14.88 -15.69 -9.88
N PHE A 337 15.00 -14.36 -9.89
CA PHE A 337 13.89 -13.52 -10.35
C PHE A 337 14.00 -13.12 -11.82
N ALA A 338 15.19 -13.17 -12.43
CA ALA A 338 15.37 -12.75 -13.81
C ALA A 338 16.09 -13.78 -14.66
N GLY A 339 16.52 -14.90 -14.08
CA GLY A 339 17.32 -15.87 -14.84
C GLY A 339 18.57 -15.27 -15.41
N VAL A 340 19.12 -14.25 -14.74
CA VAL A 340 20.27 -13.50 -15.21
C VAL A 340 21.48 -13.86 -14.38
N ASP A 341 22.62 -14.02 -15.05
CA ASP A 341 23.93 -14.16 -14.42
C ASP A 341 24.56 -12.77 -14.40
N VAL A 342 24.62 -12.14 -13.22
CA VAL A 342 25.01 -10.73 -13.16
C VAL A 342 26.46 -10.51 -13.53
N THR A 343 27.29 -11.55 -13.56
CA THR A 343 28.65 -11.39 -14.06
C THR A 343 28.70 -11.33 -15.58
N LYS A 344 27.63 -11.73 -16.26
CA LYS A 344 27.59 -11.83 -17.72
C LYS A 344 26.59 -10.89 -18.38
N GLU A 345 25.42 -10.71 -17.78
CA GLU A 345 24.32 -10.00 -18.42
C GLU A 345 23.73 -8.98 -17.46
N PRO A 346 23.10 -7.93 -17.99
CA PRO A 346 22.45 -6.93 -17.13
C PRO A 346 21.14 -7.46 -16.58
N ILE A 347 20.67 -6.78 -15.53
CA ILE A 347 19.36 -7.05 -14.94
C ILE A 347 18.34 -6.14 -15.63
N PRO A 348 17.27 -6.69 -16.21
CA PRO A 348 16.24 -5.84 -16.80
C PRO A 348 15.39 -5.22 -15.70
N VAL A 349 15.15 -3.91 -15.79
CA VAL A 349 14.48 -3.20 -14.71
C VAL A 349 13.53 -2.14 -15.25
N LEU A 350 12.50 -1.82 -14.46
CA LEU A 350 11.62 -0.72 -14.81
C LEU A 350 10.96 -0.19 -13.55
N PRO A 351 10.40 1.01 -13.60
CA PRO A 351 9.72 1.54 -12.42
C PRO A 351 8.53 0.67 -12.01
N THR A 352 8.38 0.46 -10.71
CA THR A 352 7.50 -0.56 -10.16
C THR A 352 6.71 0.01 -9.00
N VAL A 353 5.40 -0.27 -8.99
CA VAL A 353 4.55 0.14 -7.89
C VAL A 353 4.90 -0.60 -6.61
N HIS A 354 5.02 0.14 -5.52
CA HIS A 354 5.28 -0.46 -4.21
C HIS A 354 4.16 -0.23 -3.21
N TYR A 355 3.48 0.90 -3.25
CA TYR A 355 2.55 1.21 -2.18
C TYR A 355 1.42 2.10 -2.66
N ASN A 356 0.21 1.86 -2.12
CA ASN A 356 -0.97 2.66 -2.43
C ASN A 356 -1.36 3.55 -1.25
N MET A 357 -0.98 4.83 -1.33
CA MET A 357 -1.35 5.78 -0.30
C MET A 357 -2.87 5.95 -0.26
N GLY A 358 -3.51 5.93 -1.42
CA GLY A 358 -4.93 6.12 -1.48
C GLY A 358 -5.69 4.92 -0.97
N GLY A 359 -7.00 5.07 -0.93
CA GLY A 359 -7.83 3.96 -0.50
C GLY A 359 -9.17 4.45 0.03
N ILE A 360 -9.72 3.68 0.95
CA ILE A 360 -11.02 4.00 1.54
C ILE A 360 -10.85 5.10 2.58
N PRO A 361 -11.51 6.26 2.42
CA PRO A 361 -11.28 7.37 3.36
C PRO A 361 -11.82 7.01 4.74
N THR A 362 -11.02 7.27 5.77
CA THR A 362 -11.45 7.08 7.15
C THR A 362 -11.11 8.33 7.94
N ASN A 363 -11.66 8.42 9.14
CA ASN A 363 -11.17 9.33 10.16
C ASN A 363 -10.08 8.60 10.95
N TYR A 364 -9.56 9.27 11.97
CA TYR A 364 -8.44 8.68 12.70
C TYR A 364 -8.84 7.51 13.57
N LYS A 365 -10.14 7.28 13.73
CA LYS A 365 -10.66 6.15 14.48
C LYS A 365 -10.92 4.94 13.59
N GLY A 366 -10.63 5.04 12.28
CA GLY A 366 -10.85 3.97 11.36
C GLY A 366 -12.24 3.93 10.76
N GLN A 367 -13.09 4.89 11.11
CA GLN A 367 -14.46 4.93 10.61
C GLN A 367 -14.44 5.40 9.17
N VAL A 368 -15.14 4.66 8.31
CA VAL A 368 -15.22 5.04 6.89
C VAL A 368 -16.11 6.27 6.72
N LEU A 369 -15.71 7.13 5.80
CA LEU A 369 -16.37 8.39 5.56
C LEU A 369 -17.10 8.42 4.23
N ARG A 370 -18.25 9.07 4.24
CA ARG A 370 -18.83 9.61 3.02
C ARG A 370 -18.74 11.13 3.11
N HIS A 371 -19.09 11.81 2.02
CA HIS A 371 -18.91 13.25 1.94
C HIS A 371 -20.12 13.79 1.20
N VAL A 372 -21.01 14.44 1.94
CA VAL A 372 -22.33 14.80 1.45
C VAL A 372 -22.52 16.30 1.65
N ASN A 373 -22.81 17.03 0.56
CA ASN A 373 -22.99 18.47 0.63
C ASN A 373 -21.89 19.16 1.41
N GLY A 374 -20.66 18.75 1.13
CA GLY A 374 -19.50 19.37 1.73
C GLY A 374 -19.20 18.93 3.13
N GLN A 375 -19.90 17.94 3.67
CA GLN A 375 -19.73 17.50 5.04
C GLN A 375 -19.25 16.07 5.08
N ASP A 376 -18.14 15.84 5.78
CA ASP A 376 -17.73 14.48 6.10
C ASP A 376 -18.73 13.86 7.07
N GLN A 377 -19.06 12.58 6.87
CA GLN A 377 -19.94 11.86 7.77
C GLN A 377 -19.47 10.43 7.87
N ILE A 378 -19.55 9.84 9.05
CA ILE A 378 -19.16 8.45 9.18
C ILE A 378 -20.30 7.57 8.67
N VAL A 379 -19.89 6.43 8.09
CA VAL A 379 -20.82 5.40 7.66
C VAL A 379 -21.01 4.45 8.84
N PRO A 380 -22.20 4.39 9.44
CA PRO A 380 -22.37 3.55 10.61
C PRO A 380 -22.05 2.11 10.29
N GLY A 381 -21.30 1.46 11.19
CA GLY A 381 -21.00 0.08 11.05
C GLY A 381 -19.85 -0.26 10.13
N LEU A 382 -19.12 0.73 9.63
CA LEU A 382 -18.11 0.46 8.62
C LEU A 382 -16.79 1.11 8.97
N TYR A 383 -15.74 0.30 8.92
CA TYR A 383 -14.38 0.68 9.26
C TYR A 383 -13.44 0.20 8.17
N ALA A 384 -12.26 0.81 8.12
CA ALA A 384 -11.21 0.33 7.23
C ALA A 384 -9.84 0.63 7.84
N CYS A 385 -8.87 -0.21 7.52
CA CYS A 385 -7.53 0.02 8.04
C CYS A 385 -6.50 -0.67 7.16
N GLY A 386 -5.25 -0.20 7.30
CA GLY A 386 -4.15 -0.74 6.54
C GLY A 386 -4.04 -0.08 5.18
N GLU A 387 -3.35 -0.77 4.27
CA GLU A 387 -3.09 -0.20 2.95
C GLU A 387 -4.37 0.06 2.17
N ALA A 388 -5.44 -0.68 2.47
CA ALA A 388 -6.71 -0.42 1.82
C ALA A 388 -7.34 0.91 2.20
N ALA A 389 -6.94 1.49 3.33
CA ALA A 389 -7.54 2.69 3.88
C ALA A 389 -6.72 3.90 3.50
N CYS A 390 -7.31 5.06 3.77
CA CYS A 390 -6.70 6.37 3.52
C CYS A 390 -7.17 7.22 4.71
N ALA A 391 -6.38 7.19 5.79
CA ALA A 391 -6.74 7.77 7.08
C ALA A 391 -6.64 9.29 7.19
N SER A 392 -5.79 10.03 6.45
CA SER A 392 -4.68 9.60 5.64
C SER A 392 -3.37 9.97 6.35
N VAL A 393 -2.62 8.96 6.77
CA VAL A 393 -1.36 9.21 7.45
C VAL A 393 -0.25 9.43 6.46
N HIS A 394 -0.39 8.97 5.22
CA HIS A 394 0.69 9.07 4.25
C HIS A 394 0.51 10.18 3.25
N GLY A 395 -0.69 10.72 3.13
CA GLY A 395 -0.94 11.76 2.16
C GLY A 395 -0.43 11.45 0.77
N ALA A 396 0.44 12.29 0.24
CA ALA A 396 0.96 12.11 -1.11
C ALA A 396 2.25 11.29 -1.15
N ASN A 397 2.74 10.80 -0.01
CA ASN A 397 3.96 10.00 -0.03
C ASN A 397 4.23 9.31 1.32
N ARG A 398 4.17 7.98 1.30
CA ARG A 398 4.46 7.18 2.48
C ARG A 398 5.94 7.19 2.81
N LEU A 399 6.26 7.30 4.12
CA LEU A 399 7.62 7.14 4.61
C LEU A 399 7.95 5.68 4.86
N GLY A 400 9.18 5.29 4.55
CA GLY A 400 9.60 3.95 4.85
C GLY A 400 9.38 3.59 6.31
N ALA A 401 8.92 2.36 6.55
CA ALA A 401 8.66 1.79 7.88
C ALA A 401 7.46 2.41 8.57
N ASN A 402 6.70 3.26 7.91
CA ASN A 402 5.42 3.70 8.46
C ASN A 402 4.25 2.82 8.05
N SER A 403 4.45 1.94 7.05
CA SER A 403 3.32 1.16 6.55
C SER A 403 3.00 -0.04 7.45
N LEU A 404 4.01 -0.71 8.04
CA LEU A 404 3.69 -1.71 9.04
C LEU A 404 3.09 -1.07 10.28
N LEU A 405 3.52 0.16 10.59
CA LEU A 405 3.02 0.86 11.78
C LEU A 405 1.53 1.16 11.64
N ASP A 406 1.12 1.69 10.47
CA ASP A 406 -0.27 2.03 10.23
C ASP A 406 -1.16 0.81 10.41
N LEU A 407 -0.68 -0.36 10.01
CA LEU A 407 -1.49 -1.57 10.17
C LEU A 407 -1.87 -1.78 11.63
N VAL A 408 -0.86 -1.72 12.51
CA VAL A 408 -1.15 -2.08 13.89
C VAL A 408 -1.89 -0.97 14.58
N VAL A 409 -1.55 0.29 14.29
CA VAL A 409 -2.22 1.39 14.96
C VAL A 409 -3.67 1.45 14.58
N PHE A 410 -3.96 1.38 13.29
CA PHE A 410 -5.35 1.57 12.85
C PHE A 410 -6.16 0.30 12.94
N GLY A 411 -5.56 -0.88 12.84
CA GLY A 411 -6.30 -2.08 13.19
C GLY A 411 -6.75 -2.03 14.64
N ARG A 412 -5.84 -1.61 15.53
CA ARG A 412 -6.20 -1.43 16.92
C ARG A 412 -7.27 -0.37 17.08
N ALA A 413 -7.15 0.74 16.33
CA ALA A 413 -8.11 1.84 16.45
C ALA A 413 -9.51 1.37 16.09
N CYS A 414 -9.64 0.58 15.04
CA CYS A 414 -10.96 0.11 14.66
C CYS A 414 -11.56 -0.73 15.78
N ALA A 415 -10.77 -1.65 16.34
CA ALA A 415 -11.26 -2.46 17.45
C ALA A 415 -11.64 -1.59 18.64
N LEU A 416 -10.81 -0.62 19.01
CA LEU A 416 -11.11 0.25 20.13
C LEU A 416 -12.39 1.05 19.90
N SER A 417 -12.56 1.59 18.70
N SER A 417 -12.57 1.56 18.69
CA SER A 417 -13.75 2.35 18.37
CA SER A 417 -13.76 2.37 18.39
C SER A 417 -14.99 1.50 18.56
C SER A 417 -15.03 1.55 18.43
N ILE A 418 -14.96 0.28 18.03
CA ILE A 418 -16.11 -0.61 18.17
C ILE A 418 -16.36 -0.91 19.64
N GLU A 419 -15.29 -1.22 20.40
CA GLU A 419 -15.44 -1.54 21.81
C GLU A 419 -16.03 -0.39 22.60
N GLU A 420 -15.69 0.84 22.22
CA GLU A 420 -16.19 2.00 22.95
C GLU A 420 -17.65 2.28 22.65
N SER A 421 -18.16 1.80 21.52
CA SER A 421 -19.49 2.16 21.06
C SER A 421 -20.50 1.04 21.18
N CYS A 422 -20.04 -0.21 21.36
N CYS A 422 -20.08 -0.20 21.37
CA CYS A 422 -20.90 -1.39 21.34
CA CYS A 422 -21.05 -1.26 21.52
C CYS A 422 -20.45 -2.36 22.41
C CYS A 422 -20.44 -2.39 22.34
N ARG A 423 -21.26 -3.39 22.61
CA ARG A 423 -20.92 -4.49 23.49
C ARG A 423 -21.14 -5.81 22.77
N PRO A 424 -20.40 -6.85 23.14
CA PRO A 424 -20.67 -8.17 22.58
C PRO A 424 -22.12 -8.56 22.83
N GLY A 425 -22.73 -9.15 21.82
CA GLY A 425 -24.10 -9.61 21.94
C GLY A 425 -25.15 -8.57 21.66
N ASP A 426 -24.76 -7.33 21.37
CA ASP A 426 -25.73 -6.34 20.91
C ASP A 426 -26.51 -6.92 19.72
N LYS A 427 -27.79 -6.58 19.62
CA LYS A 427 -28.59 -7.14 18.55
C LYS A 427 -27.95 -6.86 17.21
N VAL A 428 -27.83 -7.90 16.38
CA VAL A 428 -27.24 -7.72 15.06
C VAL A 428 -28.36 -7.30 14.12
N PRO A 429 -28.19 -6.22 13.37
CA PRO A 429 -29.29 -5.74 12.55
C PRO A 429 -29.69 -6.80 11.53
N PRO A 430 -30.95 -6.84 11.15
CA PRO A 430 -31.37 -7.83 10.16
C PRO A 430 -31.09 -7.32 8.75
N ILE A 431 -31.20 -8.23 7.79
CA ILE A 431 -31.02 -7.88 6.39
C ILE A 431 -32.23 -8.40 5.62
N LYS A 432 -32.55 -7.71 4.52
CA LYS A 432 -33.68 -8.12 3.70
C LYS A 432 -33.45 -9.52 3.13
N PRO A 433 -34.52 -10.27 2.91
CA PRO A 433 -34.35 -11.65 2.40
C PRO A 433 -33.53 -11.74 1.13
N ASN A 434 -33.56 -10.72 0.28
CA ASN A 434 -32.80 -10.77 -0.97
C ASN A 434 -31.53 -9.93 -0.91
N ALA A 435 -31.10 -9.50 0.28
CA ALA A 435 -29.84 -8.77 0.40
C ALA A 435 -28.73 -9.55 -0.29
N GLY A 436 -27.94 -8.85 -1.10
CA GLY A 436 -26.85 -9.48 -1.81
C GLY A 436 -27.18 -10.06 -3.17
N GLU A 437 -28.45 -10.02 -3.59
CA GLU A 437 -28.84 -10.69 -4.84
C GLU A 437 -28.06 -10.14 -6.03
N GLU A 438 -27.76 -8.85 -6.05
CA GLU A 438 -27.00 -8.31 -7.18
C GLU A 438 -25.60 -8.91 -7.24
N SER A 439 -24.99 -9.22 -6.09
CA SER A 439 -23.68 -9.86 -6.10
C SER A 439 -23.76 -11.25 -6.68
N VAL A 440 -24.83 -11.98 -6.38
CA VAL A 440 -24.98 -13.32 -6.91
C VAL A 440 -25.25 -13.25 -8.40
N MET A 441 -26.07 -12.28 -8.82
CA MET A 441 -26.33 -12.13 -10.26
C MET A 441 -25.04 -11.86 -11.02
N ASN A 442 -24.18 -11.00 -10.48
CA ASN A 442 -22.92 -10.72 -11.16
C ASN A 442 -22.07 -11.97 -11.24
N LEU A 443 -21.95 -12.68 -10.12
N LEU A 443 -21.96 -12.68 -10.12
CA LEU A 443 -21.18 -13.92 -10.11
CA LEU A 443 -21.21 -13.92 -10.07
C LEU A 443 -21.69 -14.89 -11.16
C LEU A 443 -21.69 -14.89 -11.14
N ASP A 444 -23.01 -15.05 -11.26
CA ASP A 444 -23.57 -15.99 -12.22
C ASP A 444 -23.27 -15.55 -13.65
N LYS A 445 -23.33 -14.24 -13.92
CA LYS A 445 -23.04 -13.74 -15.27
C LYS A 445 -21.60 -14.03 -15.67
N LEU A 446 -20.67 -13.87 -14.75
CA LEU A 446 -19.27 -14.16 -15.07
C LEU A 446 -19.04 -15.66 -15.21
N ARG A 447 -19.70 -16.45 -14.36
CA ARG A 447 -19.49 -17.89 -14.38
C ARG A 447 -19.86 -18.49 -15.73
N PHE A 448 -20.88 -17.94 -16.39
CA PHE A 448 -21.36 -18.40 -17.69
C PHE A 448 -21.05 -17.42 -18.80
N ALA A 449 -20.09 -16.52 -18.58
CA ALA A 449 -19.71 -15.55 -19.62
C ALA A 449 -19.21 -16.31 -20.83
N ASP A 450 -19.65 -15.90 -22.01
CA ASP A 450 -19.22 -16.57 -23.24
C ASP A 450 -18.97 -15.56 -24.35
N GLY A 451 -18.26 -14.50 -23.99
CA GLY A 451 -17.84 -13.50 -24.96
C GLY A 451 -16.58 -13.92 -25.67
N SER A 452 -15.77 -12.93 -26.04
CA SER A 452 -14.62 -13.15 -26.91
C SER A 452 -13.29 -12.75 -26.31
N ILE A 453 -13.26 -12.21 -25.09
CA ILE A 453 -12.04 -11.71 -24.49
C ILE A 453 -11.72 -12.52 -23.24
N ARG A 454 -10.49 -13.04 -23.18
CA ARG A 454 -10.02 -13.74 -21.99
C ARG A 454 -9.71 -12.73 -20.89
N THR A 455 -10.06 -13.11 -19.65
CA THR A 455 -9.75 -12.28 -18.49
C THR A 455 -8.29 -11.85 -18.47
N SER A 456 -7.38 -12.79 -18.74
CA SER A 456 -5.95 -12.47 -18.64
C SER A 456 -5.53 -11.46 -19.70
N GLU A 457 -6.17 -11.49 -20.88
CA GLU A 457 -5.84 -10.54 -21.94
C GLU A 457 -6.32 -9.15 -21.59
N LEU A 458 -7.55 -9.03 -21.07
CA LEU A 458 -8.07 -7.74 -20.67
C LEU A 458 -7.26 -7.19 -19.51
N ARG A 459 -6.91 -8.04 -18.54
CA ARG A 459 -6.09 -7.59 -17.43
C ARG A 459 -4.75 -7.05 -17.89
N LEU A 460 -4.07 -7.78 -18.78
CA LEU A 460 -2.77 -7.33 -19.25
C LEU A 460 -2.89 -6.01 -20.00
N SER A 461 -3.94 -5.86 -20.80
N SER A 461 -3.95 -5.85 -20.78
CA SER A 461 -4.15 -4.60 -21.51
CA SER A 461 -4.12 -4.60 -21.51
C SER A 461 -4.31 -3.44 -20.53
C SER A 461 -4.33 -3.43 -20.55
N MET A 462 -5.11 -3.65 -19.48
CA MET A 462 -5.27 -2.62 -18.48
C MET A 462 -3.94 -2.30 -17.81
N GLN A 463 -3.19 -3.33 -17.42
CA GLN A 463 -1.94 -3.10 -16.69
C GLN A 463 -0.93 -2.35 -17.54
N LYS A 464 -0.82 -2.74 -18.81
CA LYS A 464 0.09 -2.03 -19.71
C LYS A 464 -0.36 -0.60 -19.91
N SER A 465 -1.67 -0.38 -20.04
N SER A 465 -1.67 -0.37 -20.02
CA SER A 465 -2.16 0.99 -20.23
CA SER A 465 -2.18 0.99 -20.24
C SER A 465 -1.87 1.86 -19.01
C SER A 465 -1.90 1.87 -19.02
N MET A 466 -2.09 1.33 -17.81
CA MET A 466 -1.75 2.07 -16.60
C MET A 466 -0.26 2.35 -16.54
N GLN A 467 0.57 1.35 -16.88
CA GLN A 467 2.01 1.55 -16.84
C GLN A 467 2.46 2.64 -17.80
N ASN A 468 1.80 2.74 -18.94
CA ASN A 468 2.23 3.64 -20.01
C ASN A 468 1.58 5.02 -19.94
N HIS A 469 0.54 5.20 -19.14
CA HIS A 469 -0.16 6.49 -19.12
C HIS A 469 -0.33 7.09 -17.74
N ALA A 470 -0.24 6.30 -16.68
CA ALA A 470 -0.59 6.76 -15.34
C ALA A 470 0.48 6.41 -14.32
N ALA A 471 1.72 6.30 -14.74
CA ALA A 471 2.79 5.85 -13.85
C ALA A 471 3.62 7.06 -13.41
N VAL A 472 4.95 7.06 -13.56
CA VAL A 472 5.76 8.13 -12.98
C VAL A 472 5.69 9.38 -13.84
N PHE A 473 5.64 9.22 -15.15
CA PHE A 473 5.59 10.33 -16.06
C PHE A 473 4.14 10.69 -16.30
N ARG A 474 3.73 11.87 -15.83
CA ARG A 474 2.34 12.28 -15.95
C ARG A 474 2.25 13.63 -16.64
N VAL A 475 1.53 13.66 -17.74
CA VAL A 475 1.30 14.89 -18.48
C VAL A 475 -0.09 14.79 -19.09
N GLY A 476 -0.72 15.96 -19.29
CA GLY A 476 -2.13 15.98 -19.65
C GLY A 476 -2.48 15.11 -20.84
N SER A 477 -1.82 15.32 -21.98
CA SER A 477 -2.20 14.60 -23.20
C SER A 477 -2.16 13.09 -22.98
N VAL A 478 -1.12 12.63 -22.30
CA VAL A 478 -0.93 11.19 -22.09
C VAL A 478 -1.94 10.66 -21.09
N LEU A 479 -2.19 11.41 -20.01
CA LEU A 479 -3.23 11.02 -19.06
C LEU A 479 -4.59 10.96 -19.74
N GLN A 480 -4.89 11.94 -20.60
CA GLN A 480 -6.19 11.96 -21.26
C GLN A 480 -6.34 10.76 -22.20
N GLU A 481 -5.27 10.43 -22.95
CA GLU A 481 -5.29 9.25 -23.78
C GLU A 481 -5.54 8.01 -22.92
N GLY A 482 -4.81 7.91 -21.81
CA GLY A 482 -4.98 6.77 -20.94
C GLY A 482 -6.39 6.65 -20.39
N CYS A 483 -7.00 7.80 -20.02
CA CYS A 483 -8.36 7.75 -19.51
C CYS A 483 -9.29 7.14 -20.55
N GLY A 484 -9.15 7.54 -21.80
CA GLY A 484 -9.95 6.97 -22.85
C GLY A 484 -9.74 5.48 -22.98
N LYS A 485 -8.48 5.04 -22.88
CA LYS A 485 -8.19 3.62 -23.01
C LYS A 485 -8.77 2.80 -21.87
N ILE A 486 -8.61 3.28 -20.63
CA ILE A 486 -9.17 2.53 -19.51
C ILE A 486 -10.69 2.48 -19.61
N SER A 487 -11.31 3.58 -20.04
CA SER A 487 -12.77 3.55 -20.20
C SER A 487 -13.19 2.55 -21.27
N LYS A 488 -12.44 2.45 -22.36
CA LYS A 488 -12.75 1.46 -23.38
C LYS A 488 -12.60 0.05 -22.83
N LEU A 489 -11.53 -0.20 -22.08
CA LEU A 489 -11.34 -1.53 -21.51
C LEU A 489 -12.43 -1.86 -20.51
N TYR A 490 -12.93 -0.86 -19.78
CA TYR A 490 -14.04 -1.09 -18.87
C TYR A 490 -15.25 -1.61 -19.62
N GLY A 491 -15.51 -1.03 -20.80
CA GLY A 491 -16.58 -1.53 -21.64
C GLY A 491 -16.35 -2.95 -22.09
N ASP A 492 -15.09 -3.37 -22.22
CA ASP A 492 -14.81 -4.72 -22.66
C ASP A 492 -15.13 -5.76 -21.60
N LEU A 493 -15.35 -5.36 -20.34
CA LEU A 493 -15.76 -6.33 -19.33
C LEU A 493 -17.02 -7.08 -19.76
N LYS A 494 -17.90 -6.43 -20.52
CA LYS A 494 -19.13 -7.09 -20.96
C LYS A 494 -18.88 -8.16 -22.00
N HIS A 495 -17.65 -8.30 -22.49
CA HIS A 495 -17.31 -9.25 -23.54
C HIS A 495 -16.39 -10.35 -23.06
N LEU A 496 -16.27 -10.51 -21.76
CA LEU A 496 -15.40 -11.54 -21.22
C LEU A 496 -15.90 -12.92 -21.57
N LYS A 497 -14.95 -13.84 -21.71
CA LYS A 497 -15.22 -15.27 -21.82
C LYS A 497 -14.59 -15.93 -20.60
N THR A 498 -15.33 -16.80 -19.94
CA THR A 498 -14.72 -17.66 -18.92
C THR A 498 -14.75 -19.11 -19.38
N PHE A 499 -13.90 -19.91 -18.79
CA PHE A 499 -13.78 -21.30 -19.23
C PHE A 499 -14.37 -22.29 -18.26
N ASP A 500 -14.28 -22.04 -16.96
CA ASP A 500 -14.72 -22.98 -15.94
C ASP A 500 -16.14 -22.61 -15.50
N ARG A 501 -17.07 -23.53 -15.72
CA ARG A 501 -18.44 -23.35 -15.27
C ARG A 501 -18.71 -24.04 -13.93
N GLY A 502 -17.71 -24.68 -13.34
CA GLY A 502 -17.94 -25.48 -12.16
C GLY A 502 -18.02 -24.66 -10.89
N MET A 503 -18.39 -25.35 -9.80
CA MET A 503 -18.50 -24.73 -8.49
C MET A 503 -17.32 -25.02 -7.57
N VAL A 504 -16.54 -26.06 -7.83
CA VAL A 504 -15.44 -26.41 -6.92
C VAL A 504 -14.17 -25.67 -7.35
N TRP A 505 -13.65 -24.84 -6.45
CA TRP A 505 -12.36 -24.18 -6.63
C TRP A 505 -12.26 -23.55 -8.03
N ASN A 506 -13.23 -22.68 -8.32
CA ASN A 506 -13.27 -22.02 -9.63
C ASN A 506 -12.45 -20.73 -9.54
N THR A 507 -11.13 -20.89 -9.68
CA THR A 507 -10.26 -19.74 -9.61
C THR A 507 -10.34 -18.87 -10.86
N ASP A 508 -10.77 -19.44 -12.00
CA ASP A 508 -11.02 -18.61 -13.17
C ASP A 508 -12.04 -17.53 -12.82
N LEU A 509 -13.11 -17.93 -12.12
CA LEU A 509 -14.15 -16.99 -11.72
C LEU A 509 -13.58 -15.96 -10.76
N VAL A 510 -12.78 -16.38 -9.78
CA VAL A 510 -12.20 -15.43 -8.84
C VAL A 510 -11.33 -14.41 -9.57
N GLU A 511 -10.53 -14.87 -10.53
CA GLU A 511 -9.68 -13.92 -11.26
C GLU A 511 -10.51 -12.92 -12.05
N THR A 512 -11.69 -13.33 -12.52
CA THR A 512 -12.56 -12.39 -13.24
C THR A 512 -13.19 -11.37 -12.28
N LEU A 513 -13.61 -11.81 -11.09
CA LEU A 513 -14.08 -10.86 -10.09
C LEU A 513 -12.98 -9.87 -9.74
N GLU A 514 -11.75 -10.38 -9.57
CA GLU A 514 -10.64 -9.49 -9.26
C GLU A 514 -10.39 -8.49 -10.38
N LEU A 515 -10.56 -8.91 -11.64
CA LEU A 515 -10.40 -7.97 -12.76
C LEU A 515 -11.45 -6.87 -12.71
N GLN A 516 -12.70 -7.21 -12.40
CA GLN A 516 -13.71 -6.18 -12.26
C GLN A 516 -13.28 -5.18 -11.20
N ASN A 517 -12.71 -5.67 -10.11
CA ASN A 517 -12.28 -4.80 -9.03
C ASN A 517 -11.10 -3.93 -9.44
N LEU A 518 -10.09 -4.56 -10.06
CA LEU A 518 -8.95 -3.81 -10.58
C LEU A 518 -9.38 -2.70 -11.51
N MET A 519 -10.34 -2.97 -12.39
CA MET A 519 -10.76 -1.96 -13.36
C MET A 519 -11.41 -0.77 -12.68
N LEU A 520 -12.17 -1.01 -11.61
CA LEU A 520 -12.74 0.11 -10.89
C LEU A 520 -11.64 0.96 -10.24
N CYS A 521 -10.61 0.31 -9.70
CA CYS A 521 -9.49 1.04 -9.13
C CYS A 521 -8.73 1.81 -10.18
N ALA A 522 -8.49 1.19 -11.35
CA ALA A 522 -7.74 1.83 -12.40
C ALA A 522 -8.47 3.07 -12.92
N LEU A 523 -9.78 2.96 -13.15
CA LEU A 523 -10.54 4.12 -13.61
C LEU A 523 -10.37 5.29 -12.66
N GLN A 524 -10.52 5.05 -11.37
CA GLN A 524 -10.47 6.13 -10.40
C GLN A 524 -9.06 6.70 -10.28
N THR A 525 -8.05 5.84 -10.38
CA THR A 525 -6.67 6.29 -10.33
C THR A 525 -6.37 7.24 -11.48
N ILE A 526 -6.69 6.83 -12.70
CA ILE A 526 -6.23 7.59 -13.85
C ILE A 526 -7.05 8.86 -14.03
N TYR A 527 -8.36 8.81 -13.79
CA TYR A 527 -9.16 10.02 -13.90
C TYR A 527 -8.80 11.03 -12.81
N GLY A 528 -8.51 10.55 -11.60
CA GLY A 528 -8.05 11.46 -10.55
C GLY A 528 -6.73 12.10 -10.89
N ALA A 529 -5.81 11.31 -11.49
CA ALA A 529 -4.52 11.85 -11.87
C ALA A 529 -4.65 12.90 -12.96
N GLU A 530 -5.54 12.65 -13.94
CA GLU A 530 -5.75 13.59 -15.02
C GLU A 530 -6.29 14.91 -14.50
N ALA A 531 -7.16 14.84 -13.50
CA ALA A 531 -7.80 16.06 -13.01
C ALA A 531 -6.86 16.89 -12.15
N ARG A 532 -5.95 16.25 -11.45
CA ARG A 532 -5.12 16.95 -10.45
C ARG A 532 -3.99 17.67 -11.18
N LYS A 533 -4.19 18.98 -11.38
CA LYS A 533 -3.25 19.80 -12.17
C LYS A 533 -2.23 20.50 -11.25
N GLU A 534 -1.36 19.69 -10.68
CA GLU A 534 -0.30 20.12 -9.77
C GLU A 534 0.68 18.95 -9.64
N SER A 535 1.77 19.19 -8.94
CA SER A 535 2.68 18.15 -8.52
C SER A 535 2.73 18.13 -7.00
N ARG A 536 2.54 16.95 -6.39
CA ARG A 536 2.55 16.81 -4.95
C ARG A 536 2.98 15.39 -4.62
N GLY A 537 4.01 15.28 -3.79
CA GLY A 537 4.48 13.94 -3.40
C GLY A 537 4.74 13.07 -4.61
N ALA A 538 4.12 11.89 -4.61
CA ALA A 538 4.33 10.89 -5.67
C ALA A 538 3.66 11.27 -6.99
N HIS A 539 2.81 12.29 -7.01
CA HIS A 539 2.14 12.70 -8.24
C HIS A 539 2.91 13.87 -8.82
N ALA A 540 3.66 13.62 -9.90
CA ALA A 540 4.48 14.66 -10.51
C ALA A 540 4.05 14.83 -11.95
N ARG A 541 3.61 16.05 -12.29
CA ARG A 541 3.10 16.37 -13.62
C ARG A 541 4.12 17.23 -14.36
N GLU A 542 4.39 16.86 -15.61
CA GLU A 542 5.29 17.64 -16.45
C GLU A 542 4.72 19.01 -16.80
N ASP A 543 3.39 19.14 -16.89
CA ASP A 543 2.71 20.35 -17.26
C ASP A 543 2.29 21.22 -16.08
N TYR A 544 2.34 20.67 -14.86
CA TYR A 544 1.98 21.41 -13.64
C TYR A 544 3.00 20.96 -12.61
N LYS A 545 4.15 21.63 -12.57
CA LYS A 545 5.30 21.13 -11.85
C LYS A 545 5.35 21.58 -10.40
N VAL A 546 4.47 22.47 -9.98
N VAL A 546 4.42 22.45 -9.99
CA VAL A 546 4.57 22.98 -8.61
CA VAL A 546 4.43 23.10 -8.68
C VAL A 546 3.33 22.61 -7.81
C VAL A 546 3.30 22.54 -7.82
N ARG A 547 3.54 22.49 -6.50
CA ARG A 547 2.47 22.18 -5.56
C ARG A 547 1.58 23.41 -5.42
N ILE A 548 0.26 23.22 -5.54
CA ILE A 548 -0.67 24.35 -5.54
C ILE A 548 -1.48 24.28 -4.26
N ASP A 549 -1.10 25.12 -3.30
CA ASP A 549 -1.76 25.19 -2.00
C ASP A 549 -2.66 26.42 -1.95
N GLU A 550 -3.35 26.58 -0.82
CA GLU A 550 -4.21 27.74 -0.60
C GLU A 550 -3.44 29.05 -0.49
N TYR A 551 -2.14 28.98 -0.20
CA TYR A 551 -1.24 30.12 -0.28
C TYR A 551 -0.02 29.69 -1.06
N ASP A 552 0.78 30.66 -1.48
CA ASP A 552 2.14 30.38 -1.95
C ASP A 552 3.03 30.30 -0.71
N TYR A 553 3.33 29.09 -0.27
CA TYR A 553 4.12 28.92 0.94
C TYR A 553 5.61 29.09 0.72
N SER A 554 6.03 29.47 -0.49
CA SER A 554 7.42 29.87 -0.68
C SER A 554 7.65 31.32 -0.29
N LYS A 555 6.58 32.10 -0.13
CA LYS A 555 6.64 33.51 0.19
C LYS A 555 5.94 33.75 1.53
N PRO A 556 6.24 34.86 2.20
CA PRO A 556 5.58 35.15 3.47
C PRO A 556 4.08 35.27 3.29
N ILE A 557 3.33 34.73 4.25
CA ILE A 557 1.88 34.68 4.13
C ILE A 557 1.28 36.07 4.20
N GLN A 558 1.86 36.96 4.99
CA GLN A 558 1.32 38.29 5.18
C GLN A 558 1.02 38.95 3.84
N GLY A 559 -0.25 39.28 3.62
CA GLY A 559 -0.66 40.03 2.44
C GLY A 559 -1.02 39.21 1.23
N GLN A 560 -1.00 37.88 1.32
CA GLN A 560 -1.45 37.07 0.21
C GLN A 560 -2.96 36.91 0.22
N GLN A 561 -3.53 36.77 -0.97
CA GLN A 561 -4.93 36.36 -1.06
C GLN A 561 -4.98 34.84 -0.94
N LYS A 562 -5.72 34.36 0.05
CA LYS A 562 -5.92 32.92 0.18
C LYS A 562 -6.84 32.42 -0.93
N LYS A 563 -6.45 31.30 -1.55
CA LYS A 563 -7.22 30.80 -2.69
C LYS A 563 -8.45 30.06 -2.21
N PRO A 564 -9.58 30.24 -2.89
CA PRO A 564 -10.76 29.44 -2.57
C PRO A 564 -10.47 27.96 -2.75
N PHE A 565 -11.18 27.15 -1.95
CA PHE A 565 -11.03 25.70 -2.02
C PHE A 565 -11.02 25.20 -3.45
N GLU A 566 -11.90 25.74 -4.29
CA GLU A 566 -12.03 25.24 -5.64
C GLU A 566 -10.90 25.69 -6.55
N GLU A 567 -10.02 26.55 -6.05
CA GLU A 567 -8.93 27.12 -6.84
C GLU A 567 -7.55 26.65 -6.37
N HIS A 568 -7.47 25.68 -5.46
CA HIS A 568 -6.19 25.10 -5.14
C HIS A 568 -6.35 23.59 -5.07
N TRP A 569 -5.25 22.91 -4.85
CA TRP A 569 -5.21 21.46 -4.89
C TRP A 569 -4.83 20.80 -3.56
N ARG A 570 -4.70 21.57 -2.47
CA ARG A 570 -4.38 20.94 -1.21
C ARG A 570 -5.69 20.45 -0.59
N LYS A 571 -6.14 19.33 -1.13
CA LYS A 571 -7.42 18.72 -0.84
C LYS A 571 -7.37 17.29 -1.35
N HIS A 572 -8.13 16.41 -0.70
CA HIS A 572 -8.19 15.02 -1.10
C HIS A 572 -9.13 14.85 -2.27
N THR A 573 -8.73 14.01 -3.24
CA THR A 573 -9.62 13.58 -4.30
C THR A 573 -10.57 12.52 -3.76
N LEU A 574 -11.86 12.68 -4.02
CA LEU A 574 -12.85 11.65 -3.78
C LEU A 574 -13.38 11.17 -5.12
N SER A 575 -13.35 9.88 -5.35
N SER A 575 -13.35 9.87 -5.34
CA SER A 575 -13.77 9.34 -6.63
CA SER A 575 -13.71 9.26 -6.62
C SER A 575 -14.92 8.38 -6.45
C SER A 575 -14.92 8.37 -6.45
N TYR A 576 -15.79 8.38 -7.46
CA TYR A 576 -16.97 7.52 -7.50
C TYR A 576 -17.08 6.94 -8.89
N VAL A 577 -17.68 5.77 -9.00
CA VAL A 577 -17.96 5.17 -10.29
C VAL A 577 -19.40 4.67 -10.32
N ASP A 578 -20.11 4.98 -11.41
CA ASP A 578 -21.36 4.30 -11.77
C ASP A 578 -20.93 2.99 -12.42
N VAL A 579 -21.03 1.89 -11.67
N VAL A 579 -21.06 1.89 -11.68
CA VAL A 579 -20.37 0.67 -12.11
CA VAL A 579 -20.42 0.64 -12.07
C VAL A 579 -21.01 0.10 -13.37
C VAL A 579 -21.01 0.12 -13.37
N GLY A 580 -22.27 0.42 -13.64
CA GLY A 580 -22.91 -0.08 -14.85
C GLY A 580 -22.39 0.59 -16.10
N THR A 581 -22.16 1.90 -16.04
CA THR A 581 -21.78 2.71 -17.20
C THR A 581 -20.29 3.03 -17.24
N GLY A 582 -19.58 2.85 -16.12
CA GLY A 582 -18.20 3.27 -16.02
C GLY A 582 -17.99 4.77 -15.85
N LYS A 583 -19.05 5.54 -15.61
CA LYS A 583 -18.92 6.99 -15.50
C LYS A 583 -18.22 7.32 -14.19
N VAL A 584 -17.14 8.13 -14.24
CA VAL A 584 -16.38 8.52 -13.07
C VAL A 584 -16.79 9.92 -12.67
N THR A 585 -16.95 10.13 -11.35
CA THR A 585 -17.26 11.44 -10.79
C THR A 585 -16.22 11.73 -9.73
N LEU A 586 -15.66 12.94 -9.75
CA LEU A 586 -14.70 13.38 -8.76
C LEU A 586 -15.26 14.53 -7.94
N GLU A 587 -15.07 14.44 -6.63
CA GLU A 587 -15.33 15.50 -5.69
C GLU A 587 -14.06 15.68 -4.85
N TYR A 588 -14.07 16.63 -3.91
CA TYR A 588 -12.89 16.89 -3.09
C TYR A 588 -13.32 17.21 -1.68
N ARG A 589 -12.46 16.87 -0.72
CA ARG A 589 -12.70 17.25 0.66
C ARG A 589 -11.42 17.81 1.24
N PRO A 590 -11.52 18.70 2.24
CA PRO A 590 -10.32 19.29 2.82
C PRO A 590 -9.42 18.28 3.51
N VAL A 591 -8.14 18.63 3.55
CA VAL A 591 -7.16 17.95 4.39
C VAL A 591 -7.41 18.43 5.82
N ILE A 592 -7.31 17.50 6.77
N ILE A 592 -7.30 17.54 6.79
CA ILE A 592 -7.38 17.86 8.18
CA ILE A 592 -7.47 17.94 8.18
C ILE A 592 -6.02 18.39 8.62
C ILE A 592 -6.12 18.36 8.74
N ASP A 593 -5.97 19.66 9.01
CA ASP A 593 -4.74 20.25 9.53
C ASP A 593 -4.71 20.23 11.05
N LYS A 594 -5.88 20.28 11.70
CA LYS A 594 -5.94 20.26 13.16
C LYS A 594 -5.44 18.92 13.71
N THR A 595 -4.70 18.95 14.82
CA THR A 595 -4.26 17.73 15.47
C THR A 595 -5.31 17.33 16.52
N LEU A 596 -5.00 16.31 17.32
CA LEU A 596 -5.94 15.93 18.38
C LEU A 596 -5.83 16.80 19.62
N ASN A 597 -4.74 17.56 19.76
CA ASN A 597 -4.51 18.42 20.91
C ASN A 597 -3.37 19.35 20.54
N GLU A 598 -3.70 20.59 20.20
CA GLU A 598 -2.71 21.53 19.70
C GLU A 598 -1.62 21.82 20.72
N ALA A 599 -1.96 21.82 22.02
CA ALA A 599 -0.94 22.05 23.03
C ALA A 599 0.06 20.91 23.08
N ASP A 600 -0.38 19.71 22.77
CA ASP A 600 0.50 18.56 22.80
C ASP A 600 1.27 18.38 21.52
N CYS A 601 0.70 18.81 20.39
CA CYS A 601 1.31 18.56 19.09
C CYS A 601 0.76 19.61 18.14
N ALA A 602 1.60 20.58 17.77
CA ALA A 602 1.15 21.69 16.95
C ALA A 602 0.94 21.25 15.50
N THR A 603 -0.14 21.75 14.90
CA THR A 603 -0.26 21.68 13.45
C THR A 603 1.01 22.22 12.81
N VAL A 604 1.49 21.53 11.79
CA VAL A 604 2.65 21.96 11.01
C VAL A 604 2.11 22.64 9.75
N PRO A 605 2.30 23.95 9.57
CA PRO A 605 1.81 24.60 8.36
C PRO A 605 2.57 24.10 7.15
N PRO A 606 1.98 24.16 5.96
CA PRO A 606 2.71 23.74 4.77
C PRO A 606 3.98 24.56 4.58
N ALA A 607 5.02 23.88 4.07
CA ALA A 607 6.31 24.49 3.76
C ALA A 607 6.76 23.98 2.40
N ILE A 608 7.67 24.71 1.76
CA ILE A 608 8.13 24.28 0.44
C ILE A 608 8.76 22.90 0.53
N ARG A 609 8.50 22.07 -0.49
CA ARG A 609 9.08 20.75 -0.52
C ARG A 609 10.59 20.85 -0.71
N SER A 610 11.34 20.15 0.15
N SER A 610 11.34 20.15 0.15
CA SER A 610 12.78 20.09 0.05
CA SER A 610 12.78 20.11 0.03
C SER A 610 13.16 18.88 -0.80
C SER A 610 13.19 18.88 -0.77
N TYR A 611 14.22 19.04 -1.60
CA TYR A 611 14.65 17.95 -2.48
C TYR A 611 16.08 17.49 -2.20
N LEU B 56 17.81 -18.28 2.57
CA LEU B 56 19.13 -17.93 2.06
C LEU B 56 19.90 -19.18 1.65
N GLU B 57 19.66 -19.65 0.41
CA GLU B 57 20.15 -20.96 0.00
C GLU B 57 21.60 -20.93 -0.48
N LYS B 58 21.83 -20.33 -1.65
CA LYS B 58 23.17 -20.36 -2.24
C LYS B 58 24.10 -19.31 -1.64
N GLU B 59 23.58 -18.12 -1.35
CA GLU B 59 24.37 -17.01 -0.83
C GLU B 59 23.75 -16.51 0.48
N PRO B 60 23.74 -17.36 1.51
CA PRO B 60 23.02 -16.98 2.74
C PRO B 60 23.71 -15.86 3.50
N LEU B 61 22.91 -15.12 4.26
CA LEU B 61 23.43 -14.06 5.10
C LEU B 61 24.13 -14.66 6.32
N GLU B 62 25.29 -14.09 6.66
CA GLU B 62 26.09 -14.63 7.75
C GLU B 62 25.31 -14.60 9.07
N LYS B 63 25.06 -15.79 9.63
CA LYS B 63 24.47 -15.88 10.96
C LYS B 63 25.56 -15.68 12.02
N PHE B 64 25.20 -14.90 13.10
CA PHE B 64 26.18 -14.55 14.12
C PHE B 64 26.11 -15.50 15.30
N PRO B 65 27.23 -15.73 15.97
CA PRO B 65 27.21 -16.58 17.18
C PRO B 65 26.28 -15.97 18.23
N ASP B 66 25.37 -16.81 18.74
CA ASP B 66 24.39 -16.38 19.73
C ASP B 66 23.47 -15.29 19.19
N ASP B 67 23.43 -15.12 17.86
CA ASP B 67 22.62 -14.08 17.23
C ASP B 67 23.03 -12.69 17.69
N VAL B 68 24.29 -12.52 18.06
CA VAL B 68 24.81 -11.23 18.49
C VAL B 68 25.75 -10.69 17.43
N ASN B 69 25.38 -9.57 16.85
CA ASN B 69 26.23 -8.91 15.87
C ASN B 69 27.53 -8.50 16.55
N PRO B 70 28.68 -9.01 16.10
CA PRO B 70 29.92 -8.70 16.81
C PRO B 70 30.32 -7.24 16.78
N VAL B 71 29.83 -6.48 15.80
CA VAL B 71 30.16 -5.07 15.68
C VAL B 71 29.29 -4.23 16.59
N THR B 72 27.97 -4.34 16.42
CA THR B 72 27.03 -3.46 17.10
C THR B 72 26.48 -4.05 18.39
N LYS B 73 26.65 -5.35 18.61
CA LYS B 73 26.10 -6.08 19.74
C LYS B 73 24.58 -6.23 19.67
N GLU B 74 23.97 -5.88 18.54
CA GLU B 74 22.55 -6.13 18.35
C GLU B 74 22.30 -7.63 18.47
N LYS B 75 21.25 -7.99 19.21
CA LYS B 75 20.88 -9.39 19.42
C LYS B 75 19.56 -9.67 18.71
N GLY B 76 19.56 -10.73 17.89
CA GLY B 76 18.34 -11.14 17.23
C GLY B 76 17.89 -10.26 16.10
N GLY B 77 18.83 -9.52 15.51
CA GLY B 77 18.52 -8.63 14.41
C GLY B 77 18.98 -9.19 13.08
N PRO B 78 18.98 -8.31 12.08
CA PRO B 78 19.33 -8.73 10.72
C PRO B 78 20.71 -9.37 10.63
N ARG B 79 20.77 -10.46 9.85
CA ARG B 79 22.03 -11.14 9.64
C ARG B 79 22.83 -10.47 8.54
N GLY B 80 24.09 -10.88 8.42
CA GLY B 80 24.92 -10.44 7.32
C GLY B 80 25.22 -8.96 7.41
N PRO B 81 25.42 -8.31 6.26
CA PRO B 81 25.74 -6.88 6.30
C PRO B 81 24.54 -6.07 6.74
N GLU B 82 24.80 -4.85 7.17
CA GLU B 82 23.75 -3.99 7.68
C GLU B 82 22.74 -3.72 6.58
N PRO B 83 21.46 -4.05 6.77
CA PRO B 83 20.51 -3.88 5.67
C PRO B 83 20.30 -2.44 5.23
N THR B 84 20.52 -1.45 6.09
CA THR B 84 20.24 -0.06 5.75
C THR B 84 21.44 0.68 5.22
N ARG B 85 22.54 -0.02 4.91
CA ARG B 85 23.81 0.64 4.61
C ARG B 85 23.76 1.50 3.35
N TYR B 86 22.81 1.27 2.44
CA TYR B 86 22.68 2.08 1.24
C TYR B 86 21.53 3.07 1.30
N GLY B 87 20.84 3.15 2.44
CA GLY B 87 19.75 4.07 2.63
C GLY B 87 18.38 3.46 2.49
N ASP B 88 18.26 2.37 1.76
CA ASP B 88 17.04 1.60 1.72
C ASP B 88 17.22 0.42 2.67
N TRP B 89 16.32 -0.55 2.60
CA TRP B 89 16.41 -1.77 3.40
C TRP B 89 16.63 -2.90 2.41
N GLU B 90 17.85 -3.42 2.35
CA GLU B 90 18.22 -4.42 1.35
C GLU B 90 18.42 -5.78 2.01
N ARG B 91 17.99 -6.83 1.32
CA ARG B 91 18.35 -8.20 1.69
C ARG B 91 18.71 -8.94 0.41
N LYS B 92 19.93 -9.47 0.35
CA LYS B 92 20.42 -10.18 -0.83
C LYS B 92 20.25 -9.35 -2.09
N GLY B 93 20.44 -8.04 -1.95
CA GLY B 93 20.30 -7.14 -3.09
C GLY B 93 18.88 -6.76 -3.43
N ARG B 94 17.89 -7.40 -2.80
CA ARG B 94 16.52 -6.98 -2.97
C ARG B 94 16.28 -5.76 -2.09
N CYS B 95 15.54 -4.79 -2.61
CA CYS B 95 15.08 -3.67 -1.80
C CYS B 95 13.74 -4.03 -1.17
N ILE B 96 13.76 -4.28 0.14
CA ILE B 96 12.55 -4.64 0.87
C ILE B 96 11.66 -3.43 1.08
N ASP B 97 12.25 -2.29 1.41
CA ASP B 97 11.52 -1.08 1.72
C ASP B 97 12.48 0.10 1.53
N PHE B 98 11.90 1.29 1.47
CA PHE B 98 12.69 2.49 1.22
C PHE B 98 11.93 3.69 1.73
#